data_9B25
#
_entry.id   9B25
#
_cell.length_a   53.829
_cell.length_b   199.980
_cell.length_c   55.246
_cell.angle_alpha   90.00
_cell.angle_beta   119.07
_cell.angle_gamma   90.00
#
_symmetry.space_group_name_H-M   'P 1 21 1'
#
loop_
_entity.id
_entity.type
_entity.pdbx_description
1 polymer 'Estrogen receptor'
2 non-polymer (1r,4r)-N-[4-(4-{[6-hydroxy-2-(4-hydroxyphenyl)-1-benzothiophen-3-yl]oxy}phenoxy)butyl]-4-(trifluoromethyl)cyclohexane-1-carboxamide
3 water water
#
_entity_poly.entity_id   1
_entity_poly.type   'polypeptide(L)'
_entity_poly.pdbx_seq_one_letter_code
;AIKRSKKNSLALSLTADQMVSALLDAEPPILYSEYDPTRPFSEASMMGLLTNLADRELVHMINWAKRVPGFVDLTSHDQV
HLLE(YCM)AWLEILMIGLVWRSMEHPGKLLFAPNLLLDRNQGKCVEGMVEIFDMLLATSSRFRMMNLQGEEFVCLKSII
LLNSGVYTFLSSTLKSLEEKDHIHRVLDKITDTLIHLMAKAGLTLQQQHQRLAQLLLILSHIRHMSNKGMEHLYSMKCKN
VVPSYDLLLEMLDAH
;
_entity_poly.pdbx_strand_id   A,B,C,D
#
loop_
_chem_comp.id
_chem_comp.type
_chem_comp.name
_chem_comp.formula
A1AIZ non-polymer (1r,4r)-N-[4-(4-{[6-hydroxy-2-(4-hydroxyphenyl)-1-benzothiophen-3-yl]oxy}phenoxy)butyl]-4-(trifluoromethyl)cyclohexane-1-carboxamide 'C32 H32 F3 N O5 S'
#
# COMPACT_ATOMS: atom_id res chain seq x y z
N ALA A 1 2.70 -24.17 -1.62
CA ALA A 1 2.98 -25.35 -0.82
C ALA A 1 2.21 -25.30 0.50
N ILE A 2 2.63 -26.12 1.46
CA ILE A 2 1.93 -26.25 2.74
C ILE A 2 2.54 -25.29 3.74
N LYS A 3 1.70 -24.48 4.37
CA LYS A 3 2.13 -23.61 5.45
C LYS A 3 2.31 -24.43 6.73
N ARG A 4 3.53 -24.48 7.24
CA ARG A 4 3.80 -25.23 8.47
C ARG A 4 3.25 -24.50 9.69
N SER A 5 2.91 -25.26 10.71
CA SER A 5 2.72 -24.70 12.04
C SER A 5 4.06 -24.12 12.54
N LYS A 6 3.96 -23.21 13.52
CA LYS A 6 5.14 -22.50 14.02
C LYS A 6 6.18 -23.46 14.55
N LYS A 7 5.77 -24.50 15.28
CA LYS A 7 6.77 -25.45 15.79
C LYS A 7 7.52 -26.16 14.65
N ASN A 8 6.94 -26.23 13.45
CA ASN A 8 7.62 -26.79 12.30
C ASN A 8 8.19 -25.75 11.34
N SER A 9 8.52 -24.56 11.84
CA SER A 9 9.20 -23.57 11.02
C SER A 9 10.60 -24.07 10.69
N LEU A 10 11.02 -23.84 9.45
CA LEU A 10 12.36 -24.27 9.06
C LEU A 10 13.43 -23.56 9.87
N ALA A 11 13.14 -22.33 10.33
CA ALA A 11 14.11 -21.56 11.10
C ALA A 11 14.59 -22.32 12.32
N LEU A 12 13.68 -23.04 13.01
CA LEU A 12 14.01 -23.73 14.25
C LEU A 12 14.82 -24.98 14.01
N SER A 13 14.85 -25.50 12.79
CA SER A 13 15.61 -26.69 12.45
C SER A 13 16.97 -26.40 11.81
N LEU A 14 17.36 -25.14 11.75
CA LEU A 14 18.63 -24.75 11.17
C LEU A 14 19.69 -24.77 12.27
N THR A 15 20.86 -25.33 11.93
CA THR A 15 22.04 -25.10 12.73
C THR A 15 22.48 -23.63 12.59
N ALA A 16 23.41 -23.22 13.46
CA ALA A 16 23.97 -21.87 13.35
C ALA A 16 24.60 -21.66 11.98
N ASP A 17 25.37 -22.67 11.50
CA ASP A 17 26.02 -22.55 10.19
C ASP A 17 25.00 -22.40 9.07
N GLN A 18 23.91 -23.16 9.13
CA GLN A 18 22.86 -23.09 8.14
C GLN A 18 22.11 -21.77 8.20
N MET A 19 21.96 -21.20 9.39
CA MET A 19 21.28 -19.91 9.48
C MET A 19 22.13 -18.84 8.79
N VAL A 20 23.45 -18.84 9.04
CA VAL A 20 24.36 -17.92 8.37
C VAL A 20 24.27 -18.09 6.85
N SER A 21 24.31 -19.35 6.39
CA SER A 21 24.28 -19.62 4.96
C SER A 21 22.99 -19.09 4.34
N ALA A 22 21.87 -19.34 5.00
CA ALA A 22 20.59 -18.88 4.50
C ALA A 22 20.56 -17.37 4.39
N LEU A 23 21.07 -16.66 5.40
CA LEU A 23 21.05 -15.20 5.41
C LEU A 23 21.96 -14.65 4.34
N LEU A 24 23.14 -15.24 4.18
CA LEU A 24 24.04 -14.81 3.11
C LEU A 24 23.40 -15.04 1.74
N ASP A 25 22.73 -16.17 1.56
CA ASP A 25 22.09 -16.48 0.28
C ASP A 25 20.89 -15.57 -0.01
N ALA A 26 20.27 -15.01 1.01
CA ALA A 26 19.17 -14.08 0.83
C ALA A 26 19.62 -12.67 0.44
N GLU A 27 20.92 -12.37 0.58
CA GLU A 27 21.39 -10.99 0.52
C GLU A 27 21.08 -10.40 -0.84
N PRO A 28 20.45 -9.24 -0.92
CA PRO A 28 19.98 -8.75 -2.22
C PRO A 28 21.09 -8.24 -3.10
N PRO A 29 20.80 -8.08 -4.39
CA PRO A 29 21.83 -7.63 -5.33
C PRO A 29 22.36 -6.25 -4.97
N ILE A 30 23.63 -6.04 -5.29
CA ILE A 30 24.19 -4.70 -5.36
C ILE A 30 23.51 -3.95 -6.50
N LEU A 31 23.09 -2.71 -6.24
CA LEU A 31 22.51 -1.86 -7.26
C LEU A 31 23.39 -0.65 -7.53
N TYR A 32 23.45 -0.26 -8.80
CA TYR A 32 24.13 0.96 -9.21
C TYR A 32 23.07 2.02 -9.45
N SER A 33 23.37 3.24 -9.04
CA SER A 33 22.47 4.35 -9.30
C SER A 33 22.46 4.69 -10.78
N GLU A 34 21.28 4.96 -11.32
CA GLU A 34 21.12 5.35 -12.71
C GLU A 34 20.84 6.85 -12.74
N TYR A 35 21.84 7.63 -13.15
CA TYR A 35 21.66 9.08 -13.13
C TYR A 35 22.54 9.77 -14.15
N ASP A 36 22.20 11.02 -14.43
CA ASP A 36 22.98 11.85 -15.33
C ASP A 36 23.91 12.68 -14.45
N PRO A 37 25.22 12.45 -14.48
CA PRO A 37 26.11 13.17 -13.55
C PRO A 37 26.28 14.64 -13.89
N THR A 38 25.88 15.08 -15.09
CA THR A 38 25.98 16.48 -15.49
C THR A 38 24.83 17.33 -14.98
N ARG A 39 23.78 16.73 -14.42
CA ARG A 39 22.67 17.51 -13.90
C ARG A 39 23.12 18.32 -12.69
N PRO A 40 22.64 19.55 -12.53
CA PRO A 40 23.04 20.33 -11.35
C PRO A 40 22.58 19.64 -10.06
N PHE A 41 23.48 19.64 -9.08
CA PHE A 41 23.27 18.92 -7.83
C PHE A 41 22.50 19.83 -6.88
N SER A 42 21.21 19.55 -6.72
CA SER A 42 20.30 20.38 -5.93
C SER A 42 19.60 19.49 -4.92
N GLU A 43 18.82 20.14 -4.04
CA GLU A 43 17.99 19.39 -3.11
C GLU A 43 17.04 18.45 -3.84
N ALA A 44 16.33 18.98 -4.84
CA ALA A 44 15.40 18.15 -5.60
C ALA A 44 16.11 17.00 -6.29
N SER A 45 17.25 17.27 -6.92
CA SER A 45 17.96 16.25 -7.69
C SER A 45 18.57 15.20 -6.79
N MET A 46 19.17 15.63 -5.67
CA MET A 46 19.73 14.67 -4.71
C MET A 46 18.65 13.76 -4.15
N MET A 47 17.55 14.34 -3.68
CA MET A 47 16.49 13.51 -3.12
C MET A 47 15.86 12.62 -4.19
N GLY A 48 15.84 13.10 -5.44
CA GLY A 48 15.38 12.26 -6.53
C GLY A 48 16.27 11.06 -6.76
N LEU A 49 17.59 11.25 -6.74
CA LEU A 49 18.52 10.13 -6.87
C LEU A 49 18.30 9.10 -5.76
N LEU A 50 18.24 9.58 -4.52
CA LEU A 50 18.06 8.70 -3.37
C LEU A 50 16.71 8.00 -3.41
N THR A 51 15.65 8.72 -3.83
CA THR A 51 14.33 8.09 -3.97
C THR A 51 14.37 6.93 -4.96
N ASN A 52 14.99 7.16 -6.12
CA ASN A 52 15.02 6.14 -7.16
C ASN A 52 15.75 4.90 -6.67
N LEU A 53 16.86 5.09 -5.94
CA LEU A 53 17.61 3.97 -5.39
C LEU A 53 16.79 3.25 -4.34
N ALA A 54 16.17 4.00 -3.43
CA ALA A 54 15.30 3.43 -2.41
C ALA A 54 14.21 2.60 -3.04
N ASP A 55 13.54 3.10 -4.06
CA ASP A 55 12.43 2.36 -4.67
C ASP A 55 12.92 1.01 -5.24
N ARG A 56 14.08 1.02 -5.89
CA ARG A 56 14.63 -0.22 -6.43
C ARG A 56 15.06 -1.18 -5.33
N GLU A 57 15.71 -0.66 -4.28
CA GLU A 57 16.11 -1.52 -3.16
C GLU A 57 14.92 -2.14 -2.47
N LEU A 58 13.81 -1.41 -2.36
CA LEU A 58 12.63 -1.92 -1.68
C LEU A 58 12.05 -3.13 -2.42
N VAL A 59 12.07 -3.13 -3.75
CA VAL A 59 11.65 -4.32 -4.50
C VAL A 59 12.44 -5.55 -4.06
N HIS A 60 13.76 -5.42 -4.04
CA HIS A 60 14.62 -6.50 -3.59
C HIS A 60 14.50 -6.80 -2.11
N MET A 61 14.22 -5.79 -1.30
CA MET A 61 13.97 -6.02 0.12
C MET A 61 12.86 -7.03 0.38
N ILE A 62 11.76 -6.93 -0.36
CA ILE A 62 10.63 -7.83 -0.18
C ILE A 62 11.07 -9.25 -0.41
N ASN A 63 11.80 -9.50 -1.51
CA ASN A 63 12.26 -10.85 -1.81
C ASN A 63 13.28 -11.34 -0.79
N TRP A 64 14.12 -10.45 -0.28
CA TRP A 64 15.05 -10.79 0.79
C TRP A 64 14.29 -11.22 2.02
N ALA A 65 13.29 -10.43 2.42
CA ALA A 65 12.57 -10.73 3.64
C ALA A 65 11.92 -12.11 3.56
N LYS A 66 11.35 -12.45 2.43
CA LYS A 66 10.71 -13.74 2.24
C LYS A 66 11.69 -14.90 2.39
N ARG A 67 12.98 -14.65 2.32
CA ARG A 67 14.02 -15.65 2.40
C ARG A 67 14.71 -15.67 3.75
N VAL A 68 14.35 -14.75 4.64
CA VAL A 68 14.85 -14.72 6.01
C VAL A 68 14.15 -15.85 6.76
N PRO A 69 14.86 -16.86 7.28
CA PRO A 69 14.19 -17.96 7.99
C PRO A 69 13.25 -17.45 9.06
N GLY A 70 12.01 -17.92 9.02
CA GLY A 70 10.99 -17.55 9.98
C GLY A 70 9.99 -16.54 9.47
N PHE A 71 10.35 -15.77 8.46
CA PHE A 71 9.49 -14.67 8.03
C PHE A 71 8.20 -15.15 7.40
N VAL A 72 8.28 -16.11 6.45
CA VAL A 72 7.11 -16.59 5.73
C VAL A 72 6.19 -17.45 6.56
N ASP A 73 6.60 -17.85 7.78
CA ASP A 73 5.70 -18.50 8.70
C ASP A 73 4.66 -17.53 9.26
N LEU A 74 4.92 -16.24 9.22
CA LEU A 74 3.97 -15.24 9.68
C LEU A 74 2.84 -15.06 8.69
N THR A 75 1.69 -14.56 9.18
CA THR A 75 0.61 -14.21 8.28
C THR A 75 1.11 -13.13 7.29
N SER A 76 0.44 -13.07 6.12
CA SER A 76 0.81 -12.04 5.15
C SER A 76 0.64 -10.66 5.76
N HIS A 77 -0.41 -10.48 6.58
CA HIS A 77 -0.60 -9.21 7.26
C HIS A 77 0.59 -8.85 8.16
N ASP A 78 1.03 -9.79 8.99
CA ASP A 78 2.15 -9.52 9.90
C ASP A 78 3.46 -9.31 9.13
N GLN A 79 3.66 -10.05 8.04
CA GLN A 79 4.82 -9.81 7.18
C GLN A 79 4.89 -8.36 6.70
N VAL A 80 3.79 -7.83 6.18
CA VAL A 80 3.76 -6.49 5.64
C VAL A 80 4.02 -5.50 6.75
N HIS A 81 3.46 -5.73 7.94
N HIS A 81 3.53 -5.75 7.95
CA HIS A 81 3.67 -4.83 9.07
CA HIS A 81 3.71 -4.76 9.02
C HIS A 81 5.15 -4.76 9.45
C HIS A 81 5.12 -4.77 9.59
N LEU A 82 5.82 -5.91 9.55
CA LEU A 82 7.26 -5.93 9.84
C LEU A 82 8.03 -5.04 8.86
N LEU A 83 7.74 -5.18 7.57
CA LEU A 83 8.41 -4.39 6.55
C LEU A 83 8.05 -2.91 6.65
N GLU A 84 6.78 -2.57 6.86
CA GLU A 84 6.36 -1.17 6.98
C GLU A 84 7.12 -0.54 8.15
N YCM A 85 7.20 -1.24 9.28
CA YCM A 85 8.06 -0.83 10.38
CB YCM A 85 7.73 -1.67 11.65
SG YCM A 85 6.14 -1.56 12.34
CD YCM A 85 6.09 0.06 13.09
CE YCM A 85 7.12 0.28 14.15
OZ1 YCM A 85 8.09 1.04 13.96
NZ2 YCM A 85 6.97 -0.36 15.35
C YCM A 85 9.56 -0.61 10.21
O YCM A 85 10.15 0.39 10.64
H YCM A 85 6.49 -1.85 9.61
HA YCM A 85 7.83 0.27 10.53
HB2 YCM A 85 8.43 -1.39 12.48
HB3 YCM A 85 7.86 -2.76 11.42
HD2 YCM A 85 5.09 0.24 13.57
HD3 YCM A 85 6.25 0.86 12.32
HZ21 YCM A 85 6.20 -0.96 15.49
HZ22 YCM A 85 7.63 -0.25 16.08
N ALA A 86 10.17 -1.53 9.50
CA ALA A 86 11.60 -1.64 9.45
C ALA A 86 12.29 -1.15 8.19
N TRP A 87 11.52 -0.83 7.15
CA TRP A 87 12.13 -0.64 5.83
C TRP A 87 13.23 0.41 5.83
N LEU A 88 13.06 1.52 6.54
CA LEU A 88 14.08 2.57 6.53
C LEU A 88 15.29 2.17 7.37
N GLU A 89 15.05 1.49 8.51
CA GLU A 89 16.16 0.95 9.31
C GLU A 89 16.99 -0.01 8.47
N ILE A 90 16.33 -0.86 7.65
CA ILE A 90 17.00 -1.83 6.79
C ILE A 90 17.83 -1.14 5.71
N LEU A 91 17.25 -0.16 5.04
CA LEU A 91 18.01 0.70 4.12
C LEU A 91 19.24 1.31 4.80
N MET A 92 19.06 1.88 5.98
CA MET A 92 20.13 2.55 6.75
C MET A 92 21.20 1.60 7.18
N ILE A 93 20.87 0.41 7.69
CA ILE A 93 21.94 -0.50 8.12
C ILE A 93 22.76 -0.97 6.91
N GLY A 94 22.12 -1.23 5.77
CA GLY A 94 22.83 -1.55 4.55
C GLY A 94 23.81 -0.44 4.19
N LEU A 95 23.32 0.80 4.22
CA LEU A 95 24.12 1.98 3.86
C LEU A 95 25.37 2.10 4.75
N VAL A 96 25.21 1.95 6.05
CA VAL A 96 26.35 2.11 6.96
C VAL A 96 27.34 0.95 6.79
N TRP A 97 26.85 -0.26 6.54
CA TRP A 97 27.69 -1.41 6.20
C TRP A 97 28.52 -1.12 4.95
N ARG A 98 27.85 -0.67 3.88
CA ARG A 98 28.53 -0.37 2.64
C ARG A 98 29.56 0.74 2.80
N SER A 99 29.32 1.67 3.71
CA SER A 99 30.15 2.85 3.89
C SER A 99 31.30 2.65 4.88
N MET A 100 31.42 1.47 5.47
CA MET A 100 32.38 1.28 6.56
C MET A 100 33.79 1.67 6.13
N GLU A 101 34.22 1.23 4.95
N GLU A 101 34.23 1.23 4.96
CA GLU A 101 35.59 1.39 4.50
CA GLU A 101 35.60 1.41 4.53
C GLU A 101 35.84 2.73 3.82
C GLU A 101 35.80 2.71 3.76
N HIS A 102 34.88 3.66 3.91
CA HIS A 102 34.98 4.97 3.25
C HIS A 102 34.72 6.06 4.30
N PRO A 103 35.66 6.29 5.20
CA PRO A 103 35.44 7.27 6.26
C PRO A 103 35.05 8.63 5.71
N GLY A 104 34.08 9.27 6.35
CA GLY A 104 33.62 10.57 5.91
C GLY A 104 32.59 10.54 4.80
N LYS A 105 32.27 9.38 4.26
CA LYS A 105 31.42 9.29 3.08
C LYS A 105 30.36 8.22 3.28
N LEU A 106 29.24 8.38 2.57
CA LEU A 106 28.18 7.39 2.56
C LEU A 106 28.07 6.81 1.17
N LEU A 107 28.28 5.51 1.05
CA LEU A 107 28.25 4.78 -0.21
C LEU A 107 26.82 4.32 -0.46
N PHE A 108 26.00 5.24 -0.95
CA PHE A 108 24.64 4.90 -1.32
C PHE A 108 24.63 3.83 -2.39
N ALA A 109 25.53 3.92 -3.36
CA ALA A 109 25.76 2.87 -4.33
C ALA A 109 27.22 2.93 -4.75
N PRO A 110 27.74 1.88 -5.39
CA PRO A 110 29.16 1.89 -5.77
C PRO A 110 29.55 3.09 -6.61
N ASN A 111 28.62 3.61 -7.40
CA ASN A 111 28.83 4.78 -8.24
C ASN A 111 28.15 6.02 -7.69
N LEU A 112 27.88 6.07 -6.37
CA LEU A 112 27.21 7.22 -5.76
C LEU A 112 27.69 7.32 -4.31
N LEU A 113 28.84 7.94 -4.15
CA LEU A 113 29.47 8.17 -2.85
C LEU A 113 29.32 9.66 -2.53
N LEU A 114 28.67 9.96 -1.42
CA LEU A 114 28.41 11.34 -1.05
C LEU A 114 29.05 11.65 0.29
N ASP A 115 29.59 12.86 0.43
CA ASP A 115 30.14 13.30 1.71
C ASP A 115 29.13 14.18 2.45
N ARG A 116 29.46 14.49 3.70
CA ARG A 116 28.55 15.25 4.54
C ARG A 116 28.29 16.65 4.01
N ASN A 117 29.19 17.19 3.18
CA ASN A 117 28.94 18.51 2.63
C ASN A 117 27.91 18.48 1.51
N GLN A 118 27.76 17.35 0.82
CA GLN A 118 26.65 17.19 -0.11
C GLN A 118 25.33 16.97 0.62
N GLY A 119 25.38 16.37 1.80
CA GLY A 119 24.18 16.28 2.63
C GLY A 119 23.60 17.65 2.95
N LYS A 120 24.45 18.67 3.05
CA LYS A 120 23.99 20.02 3.32
C LYS A 120 23.19 20.62 2.17
N CYS A 121 23.22 20.01 0.99
CA CYS A 121 22.41 20.51 -0.11
C CYS A 121 20.93 20.24 0.08
N VAL A 122 20.56 19.36 1.01
CA VAL A 122 19.17 19.06 1.32
C VAL A 122 18.90 19.58 2.73
N GLU A 123 17.93 20.48 2.86
CA GLU A 123 17.60 21.02 4.18
C GLU A 123 17.22 19.88 5.12
N GLY A 124 17.73 19.95 6.35
CA GLY A 124 17.42 18.93 7.34
C GLY A 124 18.18 17.63 7.20
N MET A 125 19.04 17.49 6.21
CA MET A 125 19.71 16.22 5.94
C MET A 125 21.00 16.03 6.73
N VAL A 126 21.78 17.09 6.95
CA VAL A 126 23.15 16.94 7.45
C VAL A 126 23.17 16.26 8.82
N GLU A 127 22.20 16.57 9.68
CA GLU A 127 22.16 15.94 10.99
C GLU A 127 22.01 14.43 10.87
N ILE A 128 21.16 13.96 9.95
CA ILE A 128 20.99 12.53 9.77
C ILE A 128 22.22 11.92 9.11
N PHE A 129 22.81 12.64 8.15
CA PHE A 129 24.05 12.20 7.53
C PHE A 129 25.12 11.95 8.57
N ASP A 130 25.28 12.89 9.52
CA ASP A 130 26.29 12.79 10.57
C ASP A 130 26.03 11.58 11.45
N MET A 131 24.75 11.30 11.75
CA MET A 131 24.41 10.12 12.54
C MET A 131 24.76 8.83 11.77
N LEU A 132 24.45 8.81 10.48
CA LEU A 132 24.80 7.63 9.67
C LEU A 132 26.31 7.44 9.60
N LEU A 133 27.05 8.52 9.37
CA LEU A 133 28.51 8.45 9.34
C LEU A 133 29.05 7.93 10.66
N ALA A 134 28.51 8.40 11.78
CA ALA A 134 29.00 7.96 13.08
C ALA A 134 28.75 6.48 13.29
N THR A 135 27.59 6.00 12.84
CA THR A 135 27.27 4.59 12.95
C THR A 135 28.19 3.74 12.11
N SER A 136 28.49 4.18 10.90
CA SER A 136 29.45 3.51 10.03
C SER A 136 30.83 3.49 10.67
N SER A 137 31.23 4.60 11.30
CA SER A 137 32.50 4.63 12.00
C SER A 137 32.52 3.63 13.15
N ARG A 138 31.41 3.52 13.88
CA ARG A 138 31.35 2.57 14.99
C ARG A 138 31.45 1.14 14.49
N PHE A 139 30.75 0.82 13.39
CA PHE A 139 30.86 -0.50 12.79
C PHE A 139 32.29 -0.78 12.34
N ARG A 140 32.96 0.21 11.74
CA ARG A 140 34.35 0.06 11.35
C ARG A 140 35.23 -0.22 12.57
N MET A 141 35.04 0.53 13.65
CA MET A 141 35.85 0.37 14.84
C MET A 141 35.60 -0.97 15.52
N MET A 142 34.41 -1.50 15.41
CA MET A 142 34.10 -2.83 15.92
C MET A 142 34.51 -3.95 14.97
N ASN A 143 35.00 -3.61 13.79
CA ASN A 143 35.32 -4.58 12.75
C ASN A 143 34.15 -5.53 12.48
N LEU A 144 32.97 -4.96 12.24
CA LEU A 144 31.78 -5.77 11.97
C LEU A 144 32.00 -6.66 10.76
N GLN A 145 31.68 -7.93 10.89
CA GLN A 145 31.83 -8.91 9.83
C GLN A 145 30.54 -9.07 9.04
N GLY A 146 30.67 -9.51 7.78
CA GLY A 146 29.50 -9.68 6.93
C GLY A 146 28.50 -10.66 7.50
N GLU A 147 28.99 -11.75 8.10
CA GLU A 147 28.09 -12.73 8.72
C GLU A 147 27.33 -12.14 9.91
N GLU A 148 27.98 -11.30 10.71
CA GLU A 148 27.28 -10.57 11.75
C GLU A 148 26.28 -9.57 11.20
N PHE A 149 26.65 -8.81 10.16
CA PHE A 149 25.78 -7.85 9.51
C PHE A 149 24.45 -8.46 9.11
N VAL A 150 24.48 -9.63 8.45
CA VAL A 150 23.24 -10.22 7.97
C VAL A 150 22.37 -10.67 9.13
N CYS A 151 22.98 -11.18 10.21
CA CYS A 151 22.21 -11.43 11.43
C CYS A 151 21.56 -10.16 11.95
N LEU A 152 22.31 -9.05 12.03
CA LEU A 152 21.73 -7.82 12.58
C LEU A 152 20.59 -7.32 11.71
N LYS A 153 20.74 -7.39 10.39
CA LYS A 153 19.68 -6.93 9.47
C LYS A 153 18.41 -7.76 9.63
N SER A 154 18.55 -9.08 9.81
CA SER A 154 17.40 -9.94 10.06
C SER A 154 16.75 -9.65 11.40
N ILE A 155 17.55 -9.34 12.43
CA ILE A 155 17.02 -8.93 13.74
C ILE A 155 16.17 -7.68 13.59
N ILE A 156 16.63 -6.67 12.83
CA ILE A 156 15.86 -5.43 12.65
C ILE A 156 14.49 -5.74 12.05
N LEU A 157 14.47 -6.61 11.04
CA LEU A 157 13.22 -6.98 10.38
C LEU A 157 12.25 -7.62 11.38
N LEU A 158 12.75 -8.55 12.19
CA LEU A 158 11.89 -9.35 13.05
C LEU A 158 11.49 -8.58 14.29
N ASN A 159 12.34 -7.66 14.79
CA ASN A 159 12.16 -6.99 16.06
C ASN A 159 11.47 -5.63 15.96
N SER A 160 11.58 -4.91 14.86
CA SER A 160 11.13 -3.53 14.85
C SER A 160 9.61 -3.39 14.85
N GLY A 161 8.86 -4.46 14.59
CA GLY A 161 7.42 -4.37 14.49
C GLY A 161 6.67 -5.31 15.42
N VAL A 162 7.42 -6.24 16.05
CA VAL A 162 6.80 -7.26 16.90
C VAL A 162 6.02 -6.61 18.05
N TYR A 163 6.54 -5.52 18.61
CA TYR A 163 5.91 -4.88 19.75
C TYR A 163 4.71 -4.04 19.40
N THR A 164 4.51 -3.74 18.12
CA THR A 164 3.31 -3.07 17.65
C THR A 164 2.32 -4.03 17.01
N PHE A 165 2.53 -5.34 17.19
CA PHE A 165 1.42 -6.28 17.15
C PHE A 165 0.72 -6.12 18.51
N LEU A 166 -0.60 -5.98 18.52
CA LEU A 166 -1.27 -5.44 19.70
C LEU A 166 -1.75 -6.47 20.71
N SER A 167 -1.53 -7.76 20.48
CA SER A 167 -2.11 -8.81 21.30
C SER A 167 -3.62 -8.59 21.47
N SER A 168 -4.29 -8.42 20.33
CA SER A 168 -5.74 -8.36 20.28
C SER A 168 -6.35 -9.62 19.68
N THR A 169 -5.53 -10.56 19.22
CA THR A 169 -6.02 -11.83 18.72
C THR A 169 -5.12 -12.96 19.27
N LEU A 170 -5.68 -14.17 19.31
CA LEU A 170 -4.86 -15.32 19.68
C LEU A 170 -3.73 -15.55 18.67
N LYS A 171 -4.00 -15.32 17.38
CA LYS A 171 -2.97 -15.44 16.36
C LYS A 171 -1.78 -14.55 16.68
N SER A 172 -2.03 -13.33 17.16
CA SER A 172 -0.96 -12.40 17.47
C SER A 172 -0.02 -12.98 18.53
N LEU A 173 -0.56 -13.68 19.53
CA LEU A 173 0.30 -14.30 20.54
C LEU A 173 1.18 -15.37 19.92
N GLU A 174 0.62 -16.17 19.01
CA GLU A 174 1.42 -17.18 18.29
C GLU A 174 2.52 -16.54 17.48
N GLU A 175 2.19 -15.46 16.77
CA GLU A 175 3.17 -14.75 15.96
C GLU A 175 4.28 -14.18 16.83
N LYS A 176 3.92 -13.60 17.98
CA LYS A 176 4.94 -13.04 18.87
C LYS A 176 5.86 -14.12 19.40
N ASP A 177 5.30 -15.27 19.81
CA ASP A 177 6.10 -16.39 20.31
C ASP A 177 7.04 -16.92 19.25
N HIS A 178 6.57 -17.00 18.01
CA HIS A 178 7.39 -17.42 16.90
C HIS A 178 8.57 -16.48 16.66
N ILE A 179 8.31 -15.17 16.60
CA ILE A 179 9.36 -14.18 16.43
C ILE A 179 10.40 -14.31 17.56
N HIS A 180 9.94 -14.48 18.79
CA HIS A 180 10.86 -14.66 19.93
C HIS A 180 11.80 -15.83 19.69
N ARG A 181 11.23 -16.95 19.24
CA ARG A 181 12.04 -18.15 19.04
C ARG A 181 13.04 -17.96 17.91
N VAL A 182 12.63 -17.28 16.83
CA VAL A 182 13.54 -17.03 15.73
C VAL A 182 14.65 -16.09 16.16
N LEU A 183 14.30 -15.04 16.91
CA LEU A 183 15.29 -14.11 17.41
C LEU A 183 16.27 -14.80 18.35
N ASP A 184 15.79 -15.74 19.16
CA ASP A 184 16.68 -16.56 19.99
C ASP A 184 17.68 -17.34 19.12
N LYS A 185 17.21 -17.91 18.00
CA LYS A 185 18.08 -18.66 17.10
C LYS A 185 19.12 -17.76 16.42
N ILE A 186 18.73 -16.53 16.04
CA ILE A 186 19.69 -15.60 15.47
C ILE A 186 20.72 -15.16 16.51
N THR A 187 20.31 -15.00 17.76
CA THR A 187 21.25 -14.72 18.84
C THR A 187 22.27 -15.85 19.00
N ASP A 188 21.78 -17.09 19.02
CA ASP A 188 22.66 -18.26 19.06
C ASP A 188 23.67 -18.22 17.90
N THR A 189 23.22 -17.83 16.71
CA THR A 189 24.08 -17.73 15.55
C THR A 189 25.15 -16.65 15.70
N LEU A 190 24.77 -15.47 16.22
CA LEU A 190 25.71 -14.40 16.50
C LEU A 190 26.78 -14.85 17.50
N ILE A 191 26.37 -15.49 18.59
CA ILE A 191 27.32 -16.03 19.55
C ILE A 191 28.22 -17.08 18.91
N HIS A 192 27.65 -17.99 18.11
CA HIS A 192 28.43 -18.99 17.39
C HIS A 192 29.54 -18.36 16.55
N LEU A 193 29.19 -17.32 15.80
CA LEU A 193 30.17 -16.58 15.00
C LEU A 193 31.28 -16.00 15.86
N MET A 194 30.91 -15.37 16.97
CA MET A 194 31.91 -14.76 17.86
C MET A 194 32.78 -15.81 18.54
N ALA A 195 32.19 -16.94 18.93
CA ALA A 195 33.00 -18.00 19.52
C ALA A 195 34.01 -18.56 18.51
N LYS A 196 33.58 -18.73 17.26
CA LYS A 196 34.45 -19.24 16.22
C LYS A 196 35.57 -18.26 15.90
N ALA A 197 35.28 -16.96 15.97
CA ALA A 197 36.30 -15.93 15.84
C ALA A 197 37.32 -15.93 16.96
N GLY A 198 37.06 -16.67 18.06
CA GLY A 198 38.05 -16.85 19.11
C GLY A 198 37.80 -16.00 20.35
N LEU A 199 36.66 -15.33 20.44
CA LEU A 199 36.39 -14.45 21.56
C LEU A 199 36.13 -15.30 22.82
N THR A 200 36.59 -14.79 23.96
CA THR A 200 36.23 -15.41 25.22
C THR A 200 34.72 -15.23 25.46
N LEU A 201 34.18 -16.00 26.42
CA LEU A 201 32.76 -15.86 26.74
C LEU A 201 32.41 -14.43 27.14
N GLN A 202 33.21 -13.80 27.99
CA GLN A 202 32.94 -12.42 28.38
C GLN A 202 32.91 -11.50 27.16
N GLN A 203 33.88 -11.66 26.28
CA GLN A 203 33.96 -10.83 25.08
C GLN A 203 32.75 -11.07 24.19
N GLN A 204 32.29 -12.32 24.09
CA GLN A 204 31.13 -12.66 23.29
C GLN A 204 29.92 -11.87 23.76
N HIS A 205 29.63 -11.90 25.07
CA HIS A 205 28.48 -11.21 25.62
C HIS A 205 28.62 -9.70 25.47
N GLN A 206 29.83 -9.17 25.68
CA GLN A 206 30.04 -7.73 25.53
C GLN A 206 29.84 -7.30 24.09
N ARG A 207 30.33 -8.10 23.13
CA ARG A 207 30.16 -7.72 21.73
C ARG A 207 28.70 -7.80 21.30
N LEU A 208 28.01 -8.88 21.67
CA LEU A 208 26.59 -9.00 21.38
C LEU A 208 25.87 -7.77 21.86
N ALA A 209 26.12 -7.36 23.12
CA ALA A 209 25.45 -6.22 23.73
C ALA A 209 25.73 -4.95 22.94
N GLN A 210 26.99 -4.72 22.59
CA GLN A 210 27.36 -3.52 21.85
C GLN A 210 26.68 -3.48 20.49
N LEU A 211 26.58 -4.64 19.81
CA LEU A 211 25.92 -4.67 18.51
C LEU A 211 24.43 -4.39 18.66
N LEU A 212 23.78 -4.97 19.69
CA LEU A 212 22.35 -4.76 19.87
C LEU A 212 22.03 -3.33 20.32
N LEU A 213 22.92 -2.70 21.07
CA LEU A 213 22.73 -1.32 21.49
C LEU A 213 22.79 -0.37 20.29
N ILE A 214 23.61 -0.69 19.28
CA ILE A 214 23.64 0.11 18.06
C ILE A 214 22.29 0.06 17.35
N LEU A 215 21.59 -1.06 17.46
CA LEU A 215 20.28 -1.17 16.83
C LEU A 215 19.33 -0.12 17.35
N SER A 216 19.48 0.27 18.63
CA SER A 216 18.64 1.32 19.18
C SER A 216 18.96 2.65 18.53
N HIS A 217 20.24 2.90 18.22
CA HIS A 217 20.59 4.09 17.46
C HIS A 217 20.05 4.04 16.02
N ILE A 218 20.07 2.86 15.39
CA ILE A 218 19.52 2.74 14.03
C ILE A 218 18.04 3.08 14.05
N ARG A 219 17.31 2.59 15.04
CA ARG A 219 15.91 2.95 15.19
C ARG A 219 15.73 4.45 15.30
N HIS A 220 16.57 5.10 16.11
CA HIS A 220 16.51 6.52 16.31
C HIS A 220 16.69 7.25 14.99
N MET A 221 17.72 6.87 14.25
CA MET A 221 17.98 7.41 12.91
C MET A 221 16.79 7.23 11.98
N SER A 222 16.18 6.06 11.98
CA SER A 222 15.00 5.82 11.18
C SER A 222 13.87 6.77 11.53
N ASN A 223 13.62 6.97 12.81
CA ASN A 223 12.55 7.87 13.22
C ASN A 223 12.82 9.30 12.79
N LYS A 224 14.05 9.78 12.97
CA LYS A 224 14.42 11.11 12.51
C LYS A 224 14.31 11.21 10.99
N GLY A 225 14.74 10.14 10.30
CA GLY A 225 14.64 10.08 8.85
C GLY A 225 13.22 10.18 8.35
N MET A 226 12.30 9.41 8.97
CA MET A 226 10.88 9.50 8.63
C MET A 226 10.36 10.92 8.82
N GLU A 227 10.71 11.58 9.92
CA GLU A 227 10.33 12.97 10.10
C GLU A 227 10.88 13.84 8.98
N HIS A 228 12.15 13.62 8.60
CA HIS A 228 12.77 14.38 7.52
C HIS A 228 12.12 14.11 6.18
N LEU A 229 11.83 12.83 5.90
CA LEU A 229 11.20 12.45 4.64
C LEU A 229 9.80 13.05 4.55
N TYR A 230 9.09 13.14 5.67
CA TYR A 230 7.78 13.82 5.65
C TYR A 230 7.93 15.28 5.24
N SER A 231 8.91 15.98 5.79
CA SER A 231 9.17 17.35 5.38
C SER A 231 9.48 17.44 3.89
N MET A 232 10.25 16.49 3.36
CA MET A 232 10.58 16.48 1.95
C MET A 232 9.33 16.26 1.09
N LYS A 233 8.40 15.42 1.56
CA LYS A 233 7.15 15.20 0.83
C LYS A 233 6.31 16.48 0.74
N CYS A 234 6.36 17.33 1.77
CA CYS A 234 5.64 18.59 1.74
C CYS A 234 6.23 19.49 0.66
N LYS A 235 7.54 19.38 0.41
CA LYS A 235 8.24 20.20 -0.58
C LYS A 235 8.17 19.58 -1.96
N ASN A 236 7.47 18.49 -2.10
CA ASN A 236 7.45 17.74 -3.32
C ASN A 236 8.84 17.36 -3.89
N VAL A 237 9.75 17.01 -3.01
CA VAL A 237 11.04 16.46 -3.42
C VAL A 237 11.11 14.95 -3.24
N VAL A 238 10.20 14.37 -2.47
CA VAL A 238 10.10 12.92 -2.29
C VAL A 238 8.65 12.58 -2.56
N PRO A 239 8.34 11.46 -3.21
CA PRO A 239 6.93 11.14 -3.49
C PRO A 239 6.22 10.73 -2.20
N SER A 240 4.94 11.00 -2.18
CA SER A 240 4.11 10.62 -1.04
C SER A 240 3.58 9.21 -1.19
N TYR A 241 3.41 8.74 -2.43
CA TYR A 241 2.74 7.46 -2.70
C TYR A 241 1.59 7.26 -1.72
N ASP A 242 0.74 8.29 -1.61
CA ASP A 242 -0.29 8.29 -0.58
C ASP A 242 -1.27 7.14 -0.77
N LEU A 243 -1.54 6.74 -2.01
CA LEU A 243 -2.48 5.63 -2.22
C LEU A 243 -1.91 4.31 -1.69
N LEU A 244 -0.60 4.12 -1.80
CA LEU A 244 0.03 2.98 -1.11
C LEU A 244 -0.11 3.14 0.40
N LEU A 245 0.01 4.37 0.90
CA LEU A 245 -0.08 4.62 2.33
C LEU A 245 -1.50 4.36 2.86
N GLU A 246 -2.50 4.81 2.13
CA GLU A 246 -3.85 4.54 2.55
C GLU A 246 -4.10 3.06 2.37
N MET A 247 -3.45 2.39 1.43
CA MET A 247 -3.62 0.93 1.31
C MET A 247 -3.16 0.25 2.58
N LEU A 248 -1.96 0.61 2.97
CA LEU A 248 -1.38 0.04 4.13
C LEU A 248 -2.17 0.43 5.37
N ASP A 249 -2.75 1.62 5.38
CA ASP A 249 -3.52 2.03 6.56
C ASP A 249 -4.82 1.23 6.70
N ALA A 250 -5.48 0.93 5.59
CA ALA A 250 -6.78 0.26 5.67
C ALA A 250 -6.65 -1.27 5.76
N ASN B 8 40.64 7.84 38.95
CA ASN B 8 40.00 6.93 37.99
C ASN B 8 38.54 6.74 38.36
N SER B 9 37.79 6.08 37.49
CA SER B 9 36.36 5.91 37.70
C SER B 9 36.09 4.82 38.71
N LEU B 10 35.26 5.14 39.70
CA LEU B 10 34.80 4.13 40.65
C LEU B 10 34.04 3.04 39.93
N ALA B 11 33.24 3.40 38.92
CA ALA B 11 32.41 2.44 38.22
C ALA B 11 33.25 1.30 37.65
N LEU B 12 34.40 1.62 37.05
CA LEU B 12 35.21 0.58 36.41
C LEU B 12 35.94 -0.29 37.42
N SER B 13 36.07 0.14 38.66
CA SER B 13 36.70 -0.67 39.69
C SER B 13 35.74 -1.58 40.41
N LEU B 14 34.43 -1.41 40.20
CA LEU B 14 33.43 -2.18 40.93
C LEU B 14 33.30 -3.59 40.35
N THR B 15 32.97 -4.53 41.22
CA THR B 15 32.60 -5.88 40.79
C THR B 15 31.13 -5.86 40.33
N ALA B 16 30.70 -6.99 39.75
CA ALA B 16 29.31 -7.12 39.34
C ALA B 16 28.37 -7.02 40.52
N ASP B 17 28.72 -7.68 41.63
CA ASP B 17 27.88 -7.61 42.83
C ASP B 17 27.81 -6.19 43.36
N GLN B 18 28.94 -5.47 43.35
CA GLN B 18 28.93 -4.08 43.81
C GLN B 18 28.10 -3.19 42.89
N MET B 19 28.19 -3.41 41.57
CA MET B 19 27.41 -2.61 40.63
C MET B 19 25.91 -2.78 40.87
N VAL B 20 25.48 -4.02 41.09
CA VAL B 20 24.08 -4.27 41.36
C VAL B 20 23.64 -3.49 42.58
N SER B 21 24.45 -3.54 43.64
CA SER B 21 24.13 -2.83 44.88
C SER B 21 24.00 -1.34 44.63
N ALA B 22 24.95 -0.76 43.90
CA ALA B 22 24.90 0.67 43.62
C ALA B 22 23.65 1.05 42.85
N LEU B 23 23.31 0.26 41.82
CA LEU B 23 22.16 0.55 40.99
C LEU B 23 20.87 0.43 41.79
N LEU B 24 20.74 -0.63 42.59
CA LEU B 24 19.55 -0.75 43.43
C LEU B 24 19.45 0.42 44.41
N ASP B 25 20.59 0.82 45.00
CA ASP B 25 20.59 1.86 46.01
C ASP B 25 20.19 3.20 45.43
N ALA B 26 20.42 3.40 44.12
CA ALA B 26 20.15 4.68 43.47
C ALA B 26 18.68 4.88 43.12
N GLU B 27 17.83 3.89 43.34
CA GLU B 27 16.47 3.92 42.80
C GLU B 27 15.73 5.13 43.38
N PRO B 28 14.92 5.82 42.58
CA PRO B 28 14.24 7.02 43.06
C PRO B 28 13.01 6.67 43.89
N PRO B 29 12.47 7.63 44.64
CA PRO B 29 11.21 7.37 45.37
C PRO B 29 10.05 7.20 44.40
N ILE B 30 9.01 6.54 44.90
CA ILE B 30 7.75 6.40 44.17
C ILE B 30 6.88 7.61 44.49
N LEU B 31 6.49 8.36 43.46
CA LEU B 31 5.69 9.55 43.65
C LEU B 31 4.21 9.23 43.49
N TYR B 32 3.40 9.89 44.31
CA TYR B 32 1.96 9.88 44.15
C TYR B 32 1.55 11.12 43.38
N SER B 33 0.54 11.00 42.50
CA SER B 33 0.05 12.17 41.79
C SER B 33 -0.57 13.17 42.78
N GLU B 34 -0.32 14.46 42.53
CA GLU B 34 -0.80 15.54 43.36
C GLU B 34 -1.80 16.44 42.65
N TYR B 35 -1.47 16.89 41.44
CA TYR B 35 -2.40 17.63 40.59
C TYR B 35 -3.82 17.08 40.68
N PRO B 40 -10.58 20.07 35.75
CA PRO B 40 -11.21 18.78 35.55
C PRO B 40 -11.35 18.36 34.09
N PHE B 41 -11.82 17.12 33.97
CA PHE B 41 -11.08 16.07 33.28
C PHE B 41 -11.24 16.10 31.76
N SER B 42 -10.51 17.03 31.13
CA SER B 42 -10.47 17.16 29.70
C SER B 42 -9.13 16.62 29.16
N GLU B 43 -8.76 17.02 27.95
CA GLU B 43 -7.44 16.67 27.44
C GLU B 43 -6.37 17.62 27.99
N ALA B 44 -6.68 18.91 28.08
CA ALA B 44 -5.72 19.85 28.64
C ALA B 44 -5.45 19.54 30.10
N SER B 45 -6.45 19.03 30.81
CA SER B 45 -6.26 18.63 32.20
C SER B 45 -5.50 17.30 32.29
N MET B 46 -5.70 16.39 31.34
CA MET B 46 -4.94 15.15 31.33
C MET B 46 -3.47 15.43 31.08
N MET B 47 -3.17 16.32 30.12
CA MET B 47 -1.78 16.70 29.87
C MET B 47 -1.20 17.47 31.05
N GLY B 48 -2.01 18.28 31.74
CA GLY B 48 -1.52 18.94 32.93
C GLY B 48 -1.15 17.96 34.03
N LEU B 49 -2.00 16.95 34.24
CA LEU B 49 -1.73 15.92 35.23
C LEU B 49 -0.47 15.15 34.91
N LEU B 50 -0.32 14.70 33.66
CA LEU B 50 0.85 13.92 33.29
C LEU B 50 2.10 14.79 33.30
N THR B 51 1.98 16.05 32.86
CA THR B 51 3.14 16.95 32.89
C THR B 51 3.58 17.27 34.30
N ASN B 52 2.64 17.52 35.21
CA ASN B 52 3.00 17.77 36.60
C ASN B 52 3.72 16.57 37.19
N LEU B 53 3.25 15.36 36.88
CA LEU B 53 3.90 14.16 37.38
C LEU B 53 5.30 14.02 36.77
N ALA B 54 5.42 14.22 35.46
CA ALA B 54 6.72 14.14 34.81
C ALA B 54 7.69 15.14 35.42
N ASP B 55 7.23 16.37 35.66
CA ASP B 55 8.07 17.41 36.24
C ASP B 55 8.61 17.00 37.59
N ARG B 56 7.77 16.42 38.43
CA ARG B 56 8.22 15.97 39.75
C ARG B 56 9.18 14.80 39.65
N GLU B 57 8.89 13.85 38.74
CA GLU B 57 9.79 12.71 38.58
C GLU B 57 11.15 13.13 38.08
N LEU B 58 11.21 14.13 37.20
CA LEU B 58 12.48 14.57 36.63
C LEU B 58 13.43 15.09 37.70
N VAL B 59 12.91 15.78 38.73
CA VAL B 59 13.76 16.21 39.84
C VAL B 59 14.48 15.00 40.44
N HIS B 60 13.74 13.92 40.68
CA HIS B 60 14.35 12.72 41.26
C HIS B 60 15.20 11.95 40.26
N MET B 61 14.85 12.06 38.97
CA MET B 61 15.63 11.39 37.95
C MET B 61 17.05 11.93 37.88
N ILE B 62 17.20 13.24 38.00
CA ILE B 62 18.53 13.83 37.90
C ILE B 62 19.43 13.33 39.01
N ASN B 63 18.87 13.21 40.22
CA ASN B 63 19.63 12.68 41.33
C ASN B 63 19.96 11.20 41.15
N TRP B 64 19.02 10.44 40.58
CA TRP B 64 19.30 9.05 40.21
C TRP B 64 20.44 8.98 39.19
N ALA B 65 20.40 9.84 38.17
CA ALA B 65 21.40 9.79 37.12
C ALA B 65 22.80 10.04 37.66
N LYS B 66 22.93 11.00 38.56
CA LYS B 66 24.22 11.33 39.13
C LYS B 66 24.79 10.16 39.92
N ARG B 67 23.94 9.21 40.32
CA ARG B 67 24.36 8.06 41.11
C ARG B 67 24.60 6.80 40.26
N VAL B 68 24.32 6.88 38.96
CA VAL B 68 24.59 5.76 38.06
C VAL B 68 26.10 5.70 37.89
N PRO B 69 26.78 4.65 38.37
CA PRO B 69 28.25 4.62 38.26
C PRO B 69 28.71 4.99 36.86
N GLY B 70 29.66 5.93 36.79
CA GLY B 70 30.24 6.42 35.56
C GLY B 70 29.70 7.76 35.09
N PHE B 71 28.46 8.10 35.49
CA PHE B 71 27.84 9.34 34.98
C PHE B 71 28.57 10.56 35.49
N VAL B 72 28.93 10.56 36.78
CA VAL B 72 29.61 11.69 37.41
C VAL B 72 30.97 11.96 36.80
N ASP B 73 31.56 10.97 36.13
CA ASP B 73 32.87 11.17 35.54
C ASP B 73 32.84 12.06 34.30
N LEU B 74 31.66 12.25 33.71
CA LEU B 74 31.53 13.04 32.51
C LEU B 74 31.43 14.53 32.87
N THR B 75 31.75 15.38 31.89
CA THR B 75 31.57 16.81 32.08
C THR B 75 30.09 17.15 32.21
N SER B 76 29.81 18.28 32.87
CA SER B 76 28.42 18.68 33.06
C SER B 76 27.69 18.83 31.73
N HIS B 77 28.39 19.29 30.69
CA HIS B 77 27.75 19.46 29.38
C HIS B 77 27.39 18.12 28.75
N ASP B 78 28.20 17.10 28.98
CA ASP B 78 27.86 15.78 28.46
C ASP B 78 26.77 15.14 29.29
N GLN B 79 26.79 15.34 30.61
CA GLN B 79 25.70 14.81 31.44
C GLN B 79 24.37 15.39 30.98
N VAL B 80 24.33 16.70 30.71
CA VAL B 80 23.12 17.34 30.24
C VAL B 80 22.72 16.78 28.89
N HIS B 81 23.69 16.57 28.00
CA HIS B 81 23.38 16.02 26.68
C HIS B 81 22.75 14.63 26.78
N LEU B 82 23.32 13.76 27.62
CA LEU B 82 22.75 12.42 27.78
C LEU B 82 21.34 12.49 28.37
N LEU B 83 21.13 13.33 29.37
CA LEU B 83 19.80 13.43 29.96
C LEU B 83 18.79 13.98 28.96
N GLU B 84 19.18 14.99 28.18
CA GLU B 84 18.33 15.53 27.12
C GLU B 84 17.89 14.49 26.10
N YCM B 85 18.64 13.42 25.96
CA YCM B 85 18.45 12.43 24.94
CB YCM B 85 19.73 11.79 24.39
SG YCM B 85 20.58 12.84 23.27
CD YCM B 85 19.51 13.06 21.87
CE YCM B 85 18.83 11.81 21.38
OZ1 YCM B 85 19.49 10.88 20.88
NZ2 YCM B 85 17.47 11.73 21.46
C YCM B 85 17.56 11.32 25.55
O YCM B 85 16.69 10.75 24.92
H YCM B 85 19.18 13.02 26.71
HA YCM B 85 17.96 12.92 24.04
HB2 YCM B 85 19.50 10.84 23.83
HB3 YCM B 85 20.45 11.54 25.22
HD2 YCM B 85 20.09 13.47 21.01
HD3 YCM B 85 18.68 13.78 22.12
HZ21 YCM B 85 16.95 12.48 21.86
HZ22 YCM B 85 16.99 10.93 21.14
N ALA B 86 17.78 11.06 26.84
CA ALA B 86 17.23 9.88 27.49
C ALA B 86 16.06 10.07 28.45
N TRP B 87 15.77 11.32 28.81
CA TRP B 87 14.83 11.57 29.91
C TRP B 87 13.48 10.90 29.67
N LEU B 88 12.96 10.95 28.46
CA LEU B 88 11.63 10.36 28.23
C LEU B 88 11.70 8.84 28.20
N GLU B 89 12.76 8.28 27.61
CA GLU B 89 12.96 6.84 27.68
C GLU B 89 12.94 6.39 29.13
N ILE B 90 13.60 7.15 30.03
CA ILE B 90 13.69 6.75 31.43
C ILE B 90 12.34 6.83 32.11
N LEU B 91 11.58 7.90 31.85
CA LEU B 91 10.22 7.99 32.39
C LEU B 91 9.36 6.81 31.91
N MET B 92 9.48 6.45 30.65
CA MET B 92 8.66 5.40 30.06
C MET B 92 9.02 4.03 30.59
N ILE B 93 10.32 3.73 30.73
CA ILE B 93 10.70 2.42 31.24
C ILE B 93 10.21 2.28 32.69
N GLY B 94 10.29 3.36 33.47
CA GLY B 94 9.75 3.35 34.82
C GLY B 94 8.26 3.04 34.80
N LEU B 95 7.54 3.72 33.91
CA LEU B 95 6.09 3.51 33.77
C LEU B 95 5.80 2.07 33.40
N VAL B 96 6.54 1.53 32.43
CA VAL B 96 6.34 0.15 31.99
C VAL B 96 6.56 -0.82 33.14
N TRP B 97 7.62 -0.62 33.91
CA TRP B 97 7.92 -1.46 35.06
C TRP B 97 6.79 -1.40 36.07
N ARG B 98 6.36 -0.19 36.41
CA ARG B 98 5.30 0.01 37.40
C ARG B 98 4.00 -0.65 36.95
N SER B 99 3.78 -0.77 35.64
CA SER B 99 2.51 -1.26 35.11
C SER B 99 2.49 -2.76 34.87
N MET B 100 3.59 -3.46 35.19
CA MET B 100 3.70 -4.87 34.85
C MET B 100 2.57 -5.69 35.48
N GLU B 101 2.26 -5.43 36.74
CA GLU B 101 1.22 -6.17 37.46
C GLU B 101 -0.18 -5.58 37.24
N HIS B 102 -0.37 -4.77 36.19
CA HIS B 102 -1.65 -4.14 35.89
C HIS B 102 -1.94 -4.29 34.40
N PRO B 103 -2.17 -5.52 33.95
CA PRO B 103 -2.42 -5.75 32.52
C PRO B 103 -3.52 -4.85 31.98
N GLY B 104 -3.26 -4.26 30.82
CA GLY B 104 -4.21 -3.38 30.17
C GLY B 104 -4.32 -2.00 30.78
N LYS B 105 -3.52 -1.67 31.78
CA LYS B 105 -3.54 -0.36 32.42
C LYS B 105 -2.12 0.14 32.59
N LEU B 106 -2.01 1.46 32.77
CA LEU B 106 -0.73 2.12 32.97
C LEU B 106 -0.74 2.80 34.34
N LEU B 107 0.18 2.35 35.21
CA LEU B 107 0.27 2.84 36.59
C LEU B 107 1.25 4.01 36.60
N PHE B 108 0.73 5.19 36.24
CA PHE B 108 1.55 6.39 36.27
C PHE B 108 1.97 6.69 37.70
N ALA B 109 1.11 6.41 38.67
CA ALA B 109 1.42 6.50 40.10
C ALA B 109 0.46 5.57 40.84
N PRO B 110 0.75 5.25 42.10
CA PRO B 110 -0.18 4.38 42.84
C PRO B 110 -1.59 4.92 42.91
N ASN B 111 -1.77 6.23 42.91
CA ASN B 111 -3.10 6.85 42.92
C ASN B 111 -3.50 7.36 41.53
N LEU B 112 -2.83 6.92 40.46
CA LEU B 112 -3.15 7.32 39.10
C LEU B 112 -2.93 6.11 38.19
N LEU B 113 -3.94 5.24 38.16
CA LEU B 113 -3.97 4.06 37.31
C LEU B 113 -4.92 4.36 36.17
N LEU B 114 -4.42 4.37 34.93
CA LEU B 114 -5.23 4.76 33.79
C LEU B 114 -5.44 3.56 32.86
N ASP B 115 -6.66 3.45 32.38
CA ASP B 115 -6.97 2.42 31.40
C ASP B 115 -6.42 2.83 30.03
N ARG B 116 -6.16 1.82 29.21
CA ARG B 116 -5.76 2.08 27.82
C ARG B 116 -6.69 3.07 27.16
N ASN B 117 -8.01 2.90 27.34
CA ASN B 117 -8.96 3.76 26.63
C ASN B 117 -8.96 5.20 27.16
N GLN B 118 -8.38 5.44 28.32
CA GLN B 118 -8.28 6.81 28.80
C GLN B 118 -7.22 7.60 28.05
N GLY B 119 -6.37 6.92 27.28
CA GLY B 119 -5.48 7.62 26.38
C GLY B 119 -6.21 8.36 25.28
N LYS B 120 -7.42 7.91 24.93
CA LYS B 120 -8.20 8.54 23.86
C LYS B 120 -8.58 9.97 24.21
N CYS B 121 -8.41 10.40 25.44
CA CYS B 121 -8.76 11.76 25.83
C CYS B 121 -7.82 12.81 25.24
N VAL B 122 -6.60 12.42 24.84
CA VAL B 122 -5.64 13.32 24.21
C VAL B 122 -5.40 12.81 22.79
N GLU B 123 -5.64 13.66 21.80
CA GLU B 123 -5.43 13.26 20.40
C GLU B 123 -4.01 12.72 20.21
N GLY B 124 -3.90 11.52 19.66
CA GLY B 124 -2.61 10.91 19.39
C GLY B 124 -1.99 10.15 20.54
N MET B 125 -2.63 10.13 21.71
CA MET B 125 -2.01 9.50 22.85
C MET B 125 -2.23 8.00 22.93
N VAL B 126 -3.39 7.51 22.48
CA VAL B 126 -3.71 6.09 22.68
C VAL B 126 -2.72 5.20 21.95
N GLU B 127 -2.23 5.62 20.78
CA GLU B 127 -1.21 4.83 20.08
C GLU B 127 0.05 4.68 20.93
N ILE B 128 0.42 5.72 21.67
CA ILE B 128 1.55 5.62 22.57
C ILE B 128 1.23 4.75 23.77
N PHE B 129 0.03 4.89 24.34
CA PHE B 129 -0.38 3.99 25.42
C PHE B 129 -0.26 2.53 24.97
N ASP B 130 -0.69 2.22 23.75
CA ASP B 130 -0.65 0.85 23.23
C ASP B 130 0.78 0.32 23.20
N MET B 131 1.73 1.16 22.76
CA MET B 131 3.13 0.73 22.71
C MET B 131 3.67 0.51 24.11
N LEU B 132 3.31 1.39 25.05
CA LEU B 132 3.73 1.23 26.44
C LEU B 132 3.15 -0.04 27.04
N LEU B 133 1.86 -0.29 26.80
CA LEU B 133 1.22 -1.51 27.28
C LEU B 133 1.87 -2.76 26.67
N ALA B 134 2.23 -2.70 25.39
CA ALA B 134 2.90 -3.85 24.79
C ALA B 134 4.24 -4.12 25.47
N THR B 135 4.95 -3.05 25.87
CA THR B 135 6.24 -3.22 26.54
C THR B 135 6.05 -3.87 27.90
N SER B 136 5.08 -3.38 28.68
CA SER B 136 4.78 -3.96 29.99
C SER B 136 4.41 -5.44 29.86
N SER B 137 3.59 -5.78 28.87
CA SER B 137 3.28 -7.18 28.62
C SER B 137 4.54 -8.00 28.34
N ARG B 138 5.47 -7.47 27.54
CA ARG B 138 6.72 -8.16 27.27
C ARG B 138 7.53 -8.37 28.53
N PHE B 139 7.67 -7.35 29.36
CA PHE B 139 8.37 -7.51 30.63
C PHE B 139 7.74 -8.62 31.46
N ARG B 140 6.39 -8.67 31.49
CA ARG B 140 5.69 -9.69 32.26
C ARG B 140 6.00 -11.08 31.74
N MET B 141 5.94 -11.27 30.42
CA MET B 141 6.17 -12.59 29.84
C MET B 141 7.60 -13.06 30.10
N MET B 142 8.54 -12.13 30.25
CA MET B 142 9.93 -12.47 30.52
C MET B 142 10.21 -12.59 32.01
N ASN B 143 9.24 -12.25 32.86
CA ASN B 143 9.45 -12.16 34.30
C ASN B 143 10.67 -11.29 34.62
N LEU B 144 10.71 -10.11 34.03
CA LEU B 144 11.80 -9.17 34.29
C LEU B 144 11.94 -8.92 35.78
N GLN B 145 13.19 -8.97 36.26
CA GLN B 145 13.49 -8.82 37.67
C GLN B 145 13.98 -7.39 37.94
N GLY B 146 13.75 -6.93 39.16
CA GLY B 146 14.18 -5.60 39.54
C GLY B 146 15.65 -5.35 39.28
N GLU B 147 16.50 -6.33 39.57
CA GLU B 147 17.94 -6.19 39.35
C GLU B 147 18.26 -5.97 37.88
N GLU B 148 17.53 -6.66 37.00
CA GLU B 148 17.69 -6.43 35.57
C GLU B 148 17.13 -5.07 35.16
N PHE B 149 15.97 -4.70 35.70
CA PHE B 149 15.36 -3.41 35.39
C PHE B 149 16.34 -2.27 35.62
N VAL B 150 17.00 -2.25 36.78
CA VAL B 150 17.90 -1.14 37.07
C VAL B 150 19.09 -1.12 36.09
N CYS B 151 19.58 -2.30 35.70
CA CYS B 151 20.64 -2.33 34.69
C CYS B 151 20.15 -1.74 33.38
N LEU B 152 18.94 -2.14 32.94
CA LEU B 152 18.40 -1.60 31.70
C LEU B 152 18.26 -0.09 31.75
N LYS B 153 17.77 0.46 32.86
CA LYS B 153 17.59 1.91 32.96
C LYS B 153 18.92 2.63 32.88
N SER B 154 19.95 2.10 33.54
CA SER B 154 21.29 2.66 33.44
C SER B 154 21.82 2.62 32.00
N ILE B 155 21.62 1.50 31.31
CA ILE B 155 22.02 1.38 29.91
C ILE B 155 21.35 2.47 29.07
N ILE B 156 20.05 2.71 29.26
CA ILE B 156 19.34 3.73 28.50
C ILE B 156 20.00 5.09 28.68
N LEU B 157 20.37 5.43 29.93
CA LEU B 157 20.97 6.74 30.18
C LEU B 157 22.30 6.88 29.46
N LEU B 158 23.13 5.84 29.49
CA LEU B 158 24.47 5.92 28.93
C LEU B 158 24.47 5.73 27.42
N ASN B 159 23.53 4.96 26.88
CA ASN B 159 23.58 4.60 25.47
C ASN B 159 22.82 5.57 24.56
N SER B 160 21.81 6.25 25.07
CA SER B 160 20.85 6.91 24.18
C SER B 160 21.39 8.21 23.59
N GLY B 161 22.47 8.75 24.12
CA GLY B 161 23.05 9.95 23.57
C GLY B 161 24.52 9.80 23.25
N VAL B 162 25.07 8.61 23.46
CA VAL B 162 26.49 8.39 23.25
C VAL B 162 26.84 8.56 21.77
N TYR B 163 25.94 8.14 20.87
CA TYR B 163 26.22 8.22 19.45
C TYR B 163 26.11 9.64 18.91
N THR B 164 25.49 10.55 19.67
CA THR B 164 25.30 11.93 19.25
C THR B 164 26.35 12.88 19.83
N PHE B 165 27.33 12.37 20.56
CA PHE B 165 28.43 13.20 21.05
C PHE B 165 29.29 13.64 19.88
N LYS B 171 39.52 14.10 23.41
CA LYS B 171 38.84 14.05 24.71
C LYS B 171 37.45 13.48 24.55
N SER B 172 36.69 14.02 23.59
CA SER B 172 35.38 13.45 23.27
C SER B 172 35.48 11.95 23.03
N LEU B 173 36.60 11.49 22.46
CA LEU B 173 36.81 10.05 22.31
C LEU B 173 37.08 9.39 23.66
N GLU B 174 37.75 10.09 24.58
CA GLU B 174 37.95 9.56 25.92
C GLU B 174 36.62 9.38 26.64
N GLU B 175 35.68 10.30 26.43
CA GLU B 175 34.39 10.20 27.10
C GLU B 175 33.56 9.07 26.50
N LYS B 176 33.51 8.99 25.17
CA LYS B 176 32.82 7.88 24.53
C LYS B 176 33.44 6.56 24.94
N ASP B 177 34.77 6.53 25.05
CA ASP B 177 35.45 5.31 25.51
C ASP B 177 35.04 4.96 26.93
N HIS B 178 34.98 5.96 27.81
CA HIS B 178 34.54 5.72 29.18
C HIS B 178 33.13 5.13 29.20
N ILE B 179 32.22 5.72 28.41
CA ILE B 179 30.84 5.24 28.40
C ILE B 179 30.77 3.80 27.90
N HIS B 180 31.51 3.48 26.86
CA HIS B 180 31.46 2.11 26.35
C HIS B 180 32.03 1.13 27.36
N ARG B 181 33.04 1.55 28.12
CA ARG B 181 33.58 0.69 29.17
C ARG B 181 32.56 0.50 30.29
N VAL B 182 31.87 1.56 30.70
CA VAL B 182 30.81 1.39 31.70
C VAL B 182 29.72 0.47 31.18
N LEU B 183 29.29 0.66 29.92
CA LEU B 183 28.28 -0.22 29.36
C LEU B 183 28.73 -1.68 29.37
N ASP B 184 30.01 -1.94 29.11
CA ASP B 184 30.52 -3.31 29.15
C ASP B 184 30.41 -3.89 30.56
N LYS B 185 30.64 -3.04 31.57
CA LYS B 185 30.51 -3.50 32.96
C LYS B 185 29.06 -3.83 33.29
N ILE B 186 28.13 -3.02 32.81
CA ILE B 186 26.71 -3.32 33.03
C ILE B 186 26.33 -4.64 32.36
N THR B 187 26.81 -4.87 31.14
CA THR B 187 26.59 -6.16 30.48
C THR B 187 27.08 -7.31 31.34
N ASP B 188 28.34 -7.22 31.80
CA ASP B 188 28.86 -8.21 32.71
C ASP B 188 27.92 -8.42 33.89
N THR B 189 27.37 -7.31 34.41
CA THR B 189 26.50 -7.39 35.59
C THR B 189 25.22 -8.14 35.28
N LEU B 190 24.58 -7.81 34.15
CA LEU B 190 23.39 -8.53 33.72
C LEU B 190 23.67 -10.02 33.57
N ILE B 191 24.76 -10.36 32.87
CA ILE B 191 25.16 -11.77 32.75
C ILE B 191 25.32 -12.40 34.13
N HIS B 192 26.03 -11.71 35.04
CA HIS B 192 26.25 -12.26 36.37
C HIS B 192 24.93 -12.57 37.07
N LEU B 193 23.97 -11.65 36.99
CA LEU B 193 22.67 -11.88 37.60
C LEU B 193 22.02 -13.12 37.01
N MET B 194 22.09 -13.29 35.68
CA MET B 194 21.44 -14.42 35.04
C MET B 194 22.14 -15.73 35.37
N ALA B 195 23.47 -15.70 35.44
CA ALA B 195 24.21 -16.90 35.85
C ALA B 195 23.84 -17.30 37.28
N LYS B 196 23.81 -16.32 38.19
CA LYS B 196 23.44 -16.61 39.56
C LYS B 196 21.99 -17.05 39.71
N ALA B 197 21.14 -16.75 38.72
CA ALA B 197 19.76 -17.23 38.73
C ALA B 197 19.63 -18.64 38.16
N GLY B 198 20.72 -19.26 37.71
CA GLY B 198 20.68 -20.62 37.24
C GLY B 198 20.48 -20.80 35.74
N LEU B 199 20.47 -19.71 34.97
CA LEU B 199 20.35 -19.83 33.52
C LEU B 199 21.58 -20.50 32.91
N THR B 200 21.34 -21.39 31.94
CA THR B 200 22.46 -21.94 31.18
C THR B 200 23.14 -20.80 30.39
N LEU B 201 24.33 -21.10 29.87
CA LEU B 201 25.01 -20.12 29.04
C LEU B 201 24.14 -19.69 27.86
N GLN B 202 23.49 -20.66 27.20
CA GLN B 202 22.65 -20.33 26.06
C GLN B 202 21.51 -19.42 26.49
N GLN B 203 20.85 -19.76 27.61
CA GLN B 203 19.76 -18.94 28.13
C GLN B 203 20.23 -17.54 28.50
N GLN B 204 21.46 -17.43 29.00
CA GLN B 204 21.98 -16.14 29.41
C GLN B 204 22.07 -15.21 28.22
N HIS B 205 22.69 -15.66 27.12
CA HIS B 205 22.85 -14.78 25.98
C HIS B 205 21.52 -14.52 25.28
N GLN B 206 20.63 -15.50 25.27
CA GLN B 206 19.31 -15.27 24.68
C GLN B 206 18.53 -14.21 25.45
N ARG B 207 18.59 -14.26 26.78
CA ARG B 207 17.86 -13.32 27.60
C ARG B 207 18.47 -11.94 27.49
N LEU B 208 19.79 -11.85 27.53
CA LEU B 208 20.49 -10.58 27.31
C LEU B 208 20.01 -9.93 26.03
N ALA B 209 19.97 -10.71 24.95
CA ALA B 209 19.51 -10.23 23.64
C ALA B 209 18.05 -9.76 23.70
N GLN B 210 17.17 -10.55 24.31
CA GLN B 210 15.77 -10.13 24.38
C GLN B 210 15.63 -8.83 25.17
N LEU B 211 16.39 -8.67 26.26
CA LEU B 211 16.33 -7.44 27.05
C LEU B 211 16.81 -6.23 26.25
N LEU B 212 17.93 -6.37 25.54
CA LEU B 212 18.50 -5.24 24.81
C LEU B 212 17.66 -4.90 23.58
N LEU B 213 17.02 -5.89 22.96
CA LEU B 213 16.13 -5.62 21.83
C LEU B 213 14.92 -4.78 22.24
N ILE B 214 14.44 -4.92 23.48
CA ILE B 214 13.34 -4.07 23.94
C ILE B 214 13.75 -2.60 23.98
N LEU B 215 15.04 -2.32 24.18
CA LEU B 215 15.48 -0.93 24.22
C LEU B 215 15.30 -0.23 22.87
N SER B 216 15.34 -0.97 21.77
CA SER B 216 14.98 -0.38 20.49
C SER B 216 13.54 0.10 20.50
N HIS B 217 12.64 -0.68 21.11
CA HIS B 217 11.26 -0.26 21.16
C HIS B 217 11.07 0.93 22.08
N ILE B 218 11.80 0.98 23.21
CA ILE B 218 11.73 2.10 24.13
C ILE B 218 12.19 3.37 23.44
N ARG B 219 13.26 3.28 22.64
CA ARG B 219 13.71 4.45 21.86
C ARG B 219 12.64 4.93 20.89
N HIS B 220 12.02 3.99 20.16
CA HIS B 220 10.91 4.29 19.26
C HIS B 220 9.80 5.04 19.99
N MET B 221 9.41 4.55 21.17
CA MET B 221 8.33 5.13 21.96
C MET B 221 8.70 6.54 22.39
N SER B 222 9.94 6.73 22.83
CA SER B 222 10.41 8.07 23.15
C SER B 222 10.33 9.00 21.95
N ASN B 223 10.86 8.58 20.80
CA ASN B 223 10.78 9.40 19.60
C ASN B 223 9.33 9.78 19.28
N LYS B 224 8.46 8.79 19.29
CA LYS B 224 7.05 9.04 19.01
C LYS B 224 6.45 9.97 20.05
N GLY B 225 6.83 9.78 21.32
CA GLY B 225 6.34 10.64 22.37
C GLY B 225 6.82 12.06 22.23
N MET B 226 8.09 12.25 21.85
CA MET B 226 8.60 13.61 21.64
C MET B 226 7.85 14.32 20.53
N GLU B 227 7.60 13.62 19.42
CA GLU B 227 6.81 14.18 18.34
C GLU B 227 5.40 14.54 18.82
N HIS B 228 4.78 13.65 19.62
CA HIS B 228 3.45 13.93 20.16
C HIS B 228 3.45 15.16 21.05
N LEU B 229 4.43 15.26 21.95
CA LEU B 229 4.50 16.40 22.86
C LEU B 229 4.71 17.70 22.10
N TYR B 230 5.55 17.66 21.05
CA TYR B 230 5.75 18.85 20.21
C TYR B 230 4.45 19.23 19.50
N SER B 231 3.66 18.23 19.11
CA SER B 231 2.34 18.52 18.53
C SER B 231 1.43 19.20 19.55
N MET B 232 1.42 18.71 20.79
CA MET B 232 0.56 19.14 21.88
C MET B 232 1.02 20.41 22.61
N LYS B 233 1.87 21.26 22.01
CA LYS B 233 2.31 22.50 22.66
C LYS B 233 2.91 22.22 24.04
N CYS B 234 3.76 21.21 24.11
CA CYS B 234 4.32 20.78 25.38
C CYS B 234 5.82 20.53 25.26
N VAL B 237 9.46 23.30 28.35
CA VAL B 237 10.35 23.10 29.49
C VAL B 237 9.51 22.97 30.77
N VAL B 238 9.74 21.89 31.52
CA VAL B 238 9.00 21.65 32.75
C VAL B 238 9.28 22.76 33.76
N PRO B 239 8.38 23.01 34.71
CA PRO B 239 8.61 24.12 35.66
C PRO B 239 9.93 24.01 36.41
N SER B 240 10.36 22.79 36.73
CA SER B 240 11.55 22.58 37.55
C SER B 240 12.84 22.60 36.75
N TYR B 241 12.81 23.07 35.51
CA TYR B 241 13.98 22.99 34.64
C TYR B 241 15.21 23.62 35.30
N ASP B 242 15.06 24.79 35.90
CA ASP B 242 16.22 25.48 36.45
C ASP B 242 16.83 24.68 37.59
N LEU B 243 16.01 24.08 38.46
CA LEU B 243 16.53 23.20 39.49
C LEU B 243 17.27 22.02 38.88
N LEU B 244 16.74 21.44 37.81
CA LEU B 244 17.41 20.32 37.15
C LEU B 244 18.84 20.69 36.77
N LEU B 245 19.00 21.82 36.06
CA LEU B 245 20.33 22.27 35.66
C LEU B 245 21.21 22.55 36.86
N GLU B 246 20.65 23.19 37.90
CA GLU B 246 21.41 23.44 39.12
C GLU B 246 21.91 22.14 39.75
N MET B 247 21.03 21.13 39.81
CA MET B 247 21.45 19.86 40.37
C MET B 247 22.58 19.24 39.56
N LEU B 248 22.58 19.47 38.26
CA LEU B 248 23.62 18.94 37.37
C LEU B 248 24.87 19.82 37.37
N ASP B 249 24.87 20.91 38.14
CA ASP B 249 25.96 21.87 38.14
C ASP B 249 26.18 22.44 36.75
N ALA B 250 25.12 22.48 35.94
CA ALA B 250 25.15 23.11 34.63
C ALA B 250 24.60 24.52 34.65
N HIS B 251 24.07 24.97 35.79
CA HIS B 251 23.51 26.31 35.93
C HIS B 251 24.61 27.36 35.83
N ALA C 1 -20.69 13.42 13.81
CA ALA C 1 -19.41 12.80 13.37
C ALA C 1 -19.44 11.28 13.60
N ILE C 2 -20.64 10.79 13.83
CA ILE C 2 -20.89 9.36 13.90
C ILE C 2 -20.88 8.81 12.49
N LYS C 3 -20.49 7.55 12.34
CA LYS C 3 -20.62 6.86 11.07
C LYS C 3 -22.09 6.47 10.89
N ARG C 4 -22.73 7.02 9.86
CA ARG C 4 -24.15 6.76 9.67
C ARG C 4 -24.36 5.36 9.08
N SER C 5 -25.56 4.83 9.31
CA SER C 5 -26.01 3.65 8.59
C SER C 5 -26.22 4.03 7.12
N LYS C 6 -26.22 3.02 6.25
CA LYS C 6 -26.31 3.28 4.81
C LYS C 6 -27.58 4.03 4.47
N LYS C 7 -28.71 3.67 5.09
CA LYS C 7 -29.95 4.40 4.81
C LYS C 7 -29.86 5.88 5.19
N ASN C 8 -28.93 6.23 6.10
CA ASN C 8 -28.73 7.61 6.49
C ASN C 8 -27.49 8.24 5.84
N SER C 9 -27.10 7.76 4.68
CA SER C 9 -25.99 8.35 3.94
C SER C 9 -26.41 9.72 3.44
N LEU C 10 -25.51 10.69 3.56
CA LEU C 10 -25.83 12.04 3.07
C LEU C 10 -26.13 12.03 1.57
N ALA C 11 -25.52 11.11 0.82
CA ALA C 11 -25.74 11.03 -0.62
C ALA C 11 -27.22 10.90 -0.95
N LEU C 12 -27.98 10.08 -0.20
CA LEU C 12 -29.38 9.81 -0.52
C LEU C 12 -30.30 10.98 -0.20
N SER C 13 -29.82 11.97 0.57
CA SER C 13 -30.60 13.14 0.93
C SER C 13 -30.30 14.37 0.09
N LEU C 14 -29.44 14.24 -0.90
CA LEU C 14 -29.06 15.35 -1.77
C LEU C 14 -30.05 15.43 -2.91
N THR C 15 -30.47 16.64 -3.25
CA THR C 15 -31.14 16.88 -4.51
C THR C 15 -30.12 16.76 -5.64
N ALA C 16 -30.61 16.74 -6.89
CA ALA C 16 -29.70 16.72 -8.03
C ALA C 16 -28.77 17.92 -8.01
N ASP C 17 -29.30 19.11 -7.69
CA ASP C 17 -28.48 20.33 -7.67
C ASP C 17 -27.41 20.25 -6.59
N GLN C 18 -27.77 19.74 -5.41
CA GLN C 18 -26.81 19.56 -4.33
C GLN C 18 -25.74 18.54 -4.67
N MET C 19 -26.09 17.49 -5.43
CA MET C 19 -25.10 16.50 -5.85
C MET C 19 -24.07 17.14 -6.78
N VAL C 20 -24.54 17.92 -7.76
CA VAL C 20 -23.65 18.65 -8.67
C VAL C 20 -22.75 19.57 -7.87
N SER C 21 -23.34 20.35 -6.96
CA SER C 21 -22.58 21.30 -6.15
C SER C 21 -21.50 20.58 -5.34
N ALA C 22 -21.87 19.44 -4.73
CA ALA C 22 -20.92 18.70 -3.92
C ALA C 22 -19.78 18.19 -4.79
N LEU C 23 -20.08 17.70 -5.98
CA LEU C 23 -19.05 17.14 -6.84
C LEU C 23 -18.14 18.24 -7.35
N LEU C 24 -18.71 19.38 -7.74
CA LEU C 24 -17.91 20.52 -8.17
C LEU C 24 -16.99 20.99 -7.05
N ASP C 25 -17.51 21.04 -5.82
CA ASP C 25 -16.71 21.49 -4.70
C ASP C 25 -15.59 20.52 -4.31
N ALA C 26 -15.70 19.24 -4.67
CA ALA C 26 -14.68 18.25 -4.40
C ALA C 26 -13.54 18.29 -5.40
N GLU C 27 -13.73 18.95 -6.55
CA GLU C 27 -12.80 18.83 -7.68
C GLU C 27 -11.42 19.23 -7.23
N PRO C 28 -10.40 18.43 -7.51
CA PRO C 28 -9.10 18.72 -6.93
C PRO C 28 -8.40 19.88 -7.61
N PRO C 29 -7.36 20.40 -6.98
CA PRO C 29 -6.64 21.54 -7.55
C PRO C 29 -6.02 21.21 -8.89
N ILE C 30 -5.99 22.21 -9.77
CA ILE C 30 -5.13 22.19 -10.93
C ILE C 30 -3.67 22.10 -10.48
N LEU C 31 -2.89 21.23 -11.12
CA LEU C 31 -1.48 21.12 -10.82
C LEU C 31 -0.64 21.47 -12.04
N TYR C 32 0.48 22.14 -11.81
CA TYR C 32 1.47 22.44 -12.83
C TYR C 32 2.61 21.46 -12.63
N SER C 33 3.15 20.96 -13.74
CA SER C 33 4.30 20.07 -13.69
C SER C 33 5.52 20.88 -13.27
N GLU C 34 6.36 20.29 -12.44
CA GLU C 34 7.62 20.90 -12.02
C GLU C 34 8.75 20.18 -12.75
N TYR C 35 9.31 20.83 -13.77
CA TYR C 35 10.33 20.18 -14.57
C TYR C 35 11.31 21.18 -15.18
N ASP C 36 12.49 20.67 -15.52
CA ASP C 36 13.50 21.46 -16.20
C ASP C 36 13.31 21.27 -17.69
N PRO C 37 12.84 22.29 -18.43
CA PRO C 37 12.51 22.08 -19.84
C PRO C 37 13.73 21.88 -20.73
N THR C 38 14.95 22.13 -20.21
CA THR C 38 16.17 21.96 -20.98
C THR C 38 16.71 20.53 -20.93
N ARG C 39 16.15 19.67 -20.08
CA ARG C 39 16.60 18.29 -20.03
C ARG C 39 16.26 17.59 -21.33
N PRO C 40 17.11 16.69 -21.83
CA PRO C 40 16.79 15.98 -23.07
C PRO C 40 15.53 15.13 -22.91
N PHE C 41 14.71 15.11 -23.95
CA PHE C 41 13.42 14.44 -23.93
C PHE C 41 13.63 12.98 -24.31
N SER C 42 13.54 12.10 -23.31
CA SER C 42 13.80 10.67 -23.50
C SER C 42 12.66 9.88 -22.89
N GLU C 43 12.65 8.57 -23.15
CA GLU C 43 11.70 7.68 -22.49
C GLU C 43 11.75 7.86 -20.99
N ALA C 44 12.96 7.83 -20.42
CA ALA C 44 13.11 7.92 -18.97
C ALA C 44 12.61 9.26 -18.45
N SER C 45 13.00 10.36 -19.10
CA SER C 45 12.63 11.68 -18.60
C SER C 45 11.13 11.91 -18.74
N MET C 46 10.54 11.45 -19.83
CA MET C 46 9.11 11.69 -20.05
C MET C 46 8.27 10.90 -19.04
N MET C 47 8.60 9.62 -18.85
CA MET C 47 7.90 8.83 -17.84
C MET C 47 8.15 9.38 -16.45
N GLY C 48 9.34 9.91 -16.19
CA GLY C 48 9.58 10.53 -14.89
C GLY C 48 8.71 11.76 -14.65
N LEU C 49 8.54 12.59 -15.68
CA LEU C 49 7.64 13.74 -15.57
C LEU C 49 6.22 13.27 -15.26
N LEU C 50 5.73 12.30 -16.03
CA LEU C 50 4.37 11.82 -15.87
C LEU C 50 4.18 11.14 -14.51
N THR C 51 5.19 10.38 -14.06
CA THR C 51 5.13 9.75 -12.73
C THR C 51 5.02 10.81 -11.63
N ASN C 52 5.85 11.85 -11.71
CA ASN C 52 5.82 12.92 -10.72
C ASN C 52 4.45 13.56 -10.65
N LEU C 53 3.84 13.80 -11.80
CA LEU C 53 2.52 14.40 -11.85
C LEU C 53 1.48 13.45 -11.28
N ALA C 54 1.52 12.18 -11.69
CA ALA C 54 0.61 11.16 -11.18
C ALA C 54 0.70 11.07 -9.65
N ASP C 55 1.91 11.06 -9.08
CA ASP C 55 2.02 10.92 -7.63
C ASP C 55 1.35 12.08 -6.91
N ARG C 56 1.57 13.30 -7.41
CA ARG C 56 0.96 14.48 -6.80
C ARG C 56 -0.57 14.48 -6.97
N GLU C 57 -1.05 14.05 -8.13
CA GLU C 57 -2.49 13.97 -8.35
C GLU C 57 -3.13 12.92 -7.47
N LEU C 58 -2.43 11.81 -7.22
CA LEU C 58 -2.97 10.75 -6.38
C LEU C 58 -3.18 11.23 -4.94
N VAL C 59 -2.32 12.11 -4.43
CA VAL C 59 -2.55 12.70 -3.11
C VAL C 59 -3.92 13.40 -3.07
N HIS C 60 -4.13 14.29 -4.02
CA HIS C 60 -5.40 15.02 -4.12
C HIS C 60 -6.58 14.12 -4.47
N MET C 61 -6.33 13.01 -5.17
CA MET C 61 -7.42 12.12 -5.53
C MET C 61 -8.03 11.48 -4.29
N ILE C 62 -7.21 11.17 -3.30
CA ILE C 62 -7.69 10.56 -2.06
C ILE C 62 -8.63 11.51 -1.35
N ASN C 63 -8.23 12.79 -1.26
CA ASN C 63 -9.07 13.82 -0.64
C ASN C 63 -10.36 14.06 -1.41
N TRP C 64 -10.28 14.06 -2.75
CA TRP C 64 -11.47 14.19 -3.59
C TRP C 64 -12.43 13.03 -3.31
N ALA C 65 -11.92 11.80 -3.33
CA ALA C 65 -12.78 10.64 -3.16
C ALA C 65 -13.51 10.73 -1.83
N LYS C 66 -12.83 11.12 -0.77
CA LYS C 66 -13.47 11.28 0.54
C LYS C 66 -14.62 12.28 0.52
N ARG C 67 -14.64 13.19 -0.43
CA ARG C 67 -15.66 14.22 -0.57
C ARG C 67 -16.76 13.85 -1.55
N VAL C 68 -16.62 12.72 -2.25
CA VAL C 68 -17.64 12.22 -3.17
C VAL C 68 -18.79 11.68 -2.32
N PRO C 69 -20.02 12.23 -2.44
CA PRO C 69 -21.14 11.73 -1.63
C PRO C 69 -21.27 10.21 -1.75
N GLY C 70 -21.33 9.54 -0.60
CA GLY C 70 -21.48 8.10 -0.53
C GLY C 70 -20.19 7.33 -0.27
N PHE C 71 -19.04 7.92 -0.59
CA PHE C 71 -17.79 7.20 -0.48
C PHE C 71 -17.42 6.87 0.96
N VAL C 72 -17.48 7.86 1.85
CA VAL C 72 -17.05 7.66 3.24
C VAL C 72 -18.00 6.79 4.03
N ASP C 73 -19.19 6.47 3.51
CA ASP C 73 -20.06 5.49 4.15
C ASP C 73 -19.50 4.09 4.03
N LEU C 74 -18.67 3.82 3.04
CA LEU C 74 -18.05 2.50 2.91
C LEU C 74 -17.01 2.27 4.00
N THR C 75 -16.75 0.98 4.29
CA THR C 75 -15.62 0.66 5.15
C THR C 75 -14.32 1.23 4.56
N SER C 76 -13.33 1.47 5.42
CA SER C 76 -12.04 1.95 4.94
C SER C 76 -11.44 0.95 3.96
N HIS C 77 -11.62 -0.35 4.23
CA HIS C 77 -11.11 -1.36 3.31
C HIS C 77 -11.76 -1.24 1.94
N ASP C 78 -13.08 -1.09 1.88
CA ASP C 78 -13.75 -0.96 0.59
C ASP C 78 -13.39 0.36 -0.12
N GLN C 79 -13.24 1.45 0.62
CA GLN C 79 -12.75 2.71 0.05
C GLN C 79 -11.44 2.50 -0.70
N VAL C 80 -10.49 1.85 -0.04
CA VAL C 80 -9.17 1.64 -0.62
C VAL C 80 -9.28 0.83 -1.90
N HIS C 81 -10.10 -0.22 -1.88
N HIS C 81 -10.12 -0.19 -1.92
CA HIS C 81 -10.25 -1.10 -3.04
CA HIS C 81 -10.15 -1.04 -3.11
C HIS C 81 -10.80 -0.33 -4.24
C HIS C 81 -10.85 -0.38 -4.28
N LEU C 82 -11.82 0.51 -4.02
CA LEU C 82 -12.35 1.36 -5.10
C LEU C 82 -11.25 2.20 -5.74
N LEU C 83 -10.45 2.86 -4.90
CA LEU C 83 -9.34 3.67 -5.41
C LEU C 83 -8.30 2.83 -6.12
N GLU C 84 -7.96 1.66 -5.59
CA GLU C 84 -6.95 0.76 -6.16
C GLU C 84 -7.42 0.37 -7.56
N YCM C 85 -8.69 -0.05 -7.67
CA YCM C 85 -9.32 -0.23 -8.96
CB YCM C 85 -10.67 -0.95 -8.76
SG YCM C 85 -10.74 -2.52 -8.02
CD YCM C 85 -10.18 -3.63 -9.31
CE YCM C 85 -11.03 -3.60 -10.56
OZ1 YCM C 85 -10.61 -3.04 -11.60
NZ2 YCM C 85 -12.25 -4.21 -10.55
C YCM C 85 -9.38 0.88 -10.01
O YCM C 85 -9.10 0.68 -11.21
H YCM C 85 -9.16 -0.57 -6.98
HA YCM C 85 -8.60 -0.86 -9.57
HB2 YCM C 85 -11.18 -1.09 -9.74
HB3 YCM C 85 -11.34 -0.32 -8.10
HD2 YCM C 85 -10.19 -4.69 -8.95
HD3 YCM C 85 -9.14 -3.37 -9.62
HZ21 YCM C 85 -12.57 -4.66 -9.72
HZ22 YCM C 85 -12.82 -4.21 -11.36
N ALA C 86 -9.73 2.07 -9.56
CA ALA C 86 -10.10 3.13 -10.44
C ALA C 86 -9.06 4.20 -10.70
N TRP C 87 -7.94 4.17 -10.00
CA TRP C 87 -7.09 5.35 -9.95
C TRP C 87 -6.60 5.76 -11.34
N LEU C 88 -6.22 4.79 -12.17
CA LEU C 88 -5.71 5.16 -13.49
C LEU C 88 -6.83 5.63 -14.41
N GLU C 89 -8.02 5.00 -14.31
CA GLU C 89 -9.19 5.48 -15.04
C GLU C 89 -9.49 6.94 -14.67
N ILE C 90 -9.37 7.29 -13.37
CA ILE C 90 -9.62 8.63 -12.88
C ILE C 90 -8.58 9.60 -13.40
N LEU C 91 -7.30 9.26 -13.36
CA LEU C 91 -6.26 10.06 -14.00
C LEU C 91 -6.56 10.28 -15.47
N MET C 92 -6.98 9.21 -16.17
CA MET C 92 -7.20 9.28 -17.59
C MET C 92 -8.42 10.13 -17.96
N ILE C 93 -9.55 9.99 -17.25
CA ILE C 93 -10.71 10.80 -17.57
C ILE C 93 -10.43 12.29 -17.34
N GLY C 94 -9.66 12.64 -16.28
CA GLY C 94 -9.24 14.00 -16.06
C GLY C 94 -8.43 14.50 -17.24
N LEU C 95 -7.46 13.68 -17.68
CA LEU C 95 -6.61 14.03 -18.82
C LEU C 95 -7.42 14.32 -20.08
N VAL C 96 -8.39 13.45 -20.39
CA VAL C 96 -9.13 13.63 -21.61
C VAL C 96 -10.06 14.85 -21.54
N TRP C 97 -10.61 15.12 -20.36
CA TRP C 97 -11.38 16.34 -20.10
C TRP C 97 -10.54 17.58 -20.34
N ARG C 98 -9.33 17.61 -19.74
CA ARG C 98 -8.45 18.77 -19.85
C ARG C 98 -7.99 18.99 -21.29
N SER C 99 -7.85 17.92 -22.07
CA SER C 99 -7.37 17.99 -23.43
C SER C 99 -8.45 18.25 -24.48
N MET C 100 -9.71 18.39 -24.07
CA MET C 100 -10.79 18.51 -25.03
C MET C 100 -10.54 19.63 -26.05
N GLU C 101 -10.20 20.82 -25.58
N GLU C 101 -10.21 20.82 -25.58
CA GLU C 101 -10.06 22.00 -26.42
CA GLU C 101 -10.07 21.99 -26.44
C GLU C 101 -8.71 22.08 -27.10
C GLU C 101 -8.70 22.09 -27.09
N HIS C 102 -7.89 21.02 -27.06
CA HIS C 102 -6.55 21.00 -27.63
C HIS C 102 -6.43 19.80 -28.56
N PRO C 103 -7.10 19.84 -29.71
CA PRO C 103 -7.08 18.67 -30.60
C PRO C 103 -5.67 18.24 -30.96
N GLY C 104 -5.45 16.93 -30.99
CA GLY C 104 -4.14 16.39 -31.31
C GLY C 104 -3.17 16.35 -30.15
N LYS C 105 -3.53 16.88 -28.99
CA LYS C 105 -2.61 17.05 -27.89
C LYS C 105 -3.24 16.57 -26.58
N LEU C 106 -2.41 16.13 -25.67
CA LEU C 106 -2.85 15.73 -24.34
C LEU C 106 -2.29 16.73 -23.33
N LEU C 107 -3.18 17.42 -22.63
CA LEU C 107 -2.83 18.43 -21.63
C LEU C 107 -2.67 17.75 -20.28
N PHE C 108 -1.48 17.16 -20.07
CA PHE C 108 -1.17 16.55 -18.78
C PHE C 108 -1.22 17.59 -17.69
N ALA C 109 -0.66 18.77 -17.94
CA ALA C 109 -0.80 19.92 -17.07
C ALA C 109 -0.86 21.16 -17.95
N PRO C 110 -1.29 22.30 -17.40
CA PRO C 110 -1.34 23.52 -18.23
C PRO C 110 -0.01 23.89 -18.84
N ASN C 111 1.09 23.53 -18.19
CA ASN C 111 2.43 23.78 -18.70
C ASN C 111 3.08 22.50 -19.24
N LEU C 112 2.29 21.49 -19.61
CA LEU C 112 2.82 20.23 -20.13
C LEU C 112 1.80 19.65 -21.12
N LEU C 113 1.85 20.16 -22.33
CA LEU C 113 1.01 19.72 -23.43
C LEU C 113 1.88 18.91 -24.38
N LEU C 114 1.52 17.65 -24.59
CA LEU C 114 2.31 16.73 -25.41
C LEU C 114 1.47 16.22 -26.58
N ASP C 115 2.10 16.04 -27.73
CA ASP C 115 1.40 15.46 -28.88
C ASP C 115 1.79 14.00 -29.06
N ARG C 116 1.06 13.34 -29.97
CA ARG C 116 1.26 11.92 -30.21
C ARG C 116 2.66 11.57 -30.67
N ASN C 117 3.39 12.51 -31.26
CA ASN C 117 4.76 12.19 -31.67
C ASN C 117 5.70 12.13 -30.49
N GLN C 118 5.40 12.89 -29.43
CA GLN C 118 6.18 12.76 -28.19
C GLN C 118 5.87 11.46 -27.48
N GLY C 119 4.64 10.98 -27.60
CA GLY C 119 4.31 9.68 -27.05
C GLY C 119 5.13 8.56 -27.67
N LYS C 120 5.54 8.71 -28.92
CA LYS C 120 6.37 7.71 -29.59
C LYS C 120 7.76 7.61 -28.98
N CYS C 121 8.15 8.56 -28.12
CA CYS C 121 9.45 8.50 -27.47
C CYS C 121 9.50 7.49 -26.32
N VAL C 122 8.35 6.96 -25.91
CA VAL C 122 8.25 5.92 -24.88
C VAL C 122 7.73 4.68 -25.58
N GLU C 123 8.49 3.58 -25.51
CA GLU C 123 8.06 2.37 -26.19
C GLU C 123 6.70 1.93 -25.67
N GLY C 124 5.81 1.56 -26.58
CA GLY C 124 4.52 1.01 -26.19
C GLY C 124 3.46 2.02 -25.84
N MET C 125 3.76 3.31 -25.92
CA MET C 125 2.79 4.29 -25.46
C MET C 125 1.95 4.93 -26.55
N VAL C 126 2.43 5.00 -27.80
CA VAL C 126 1.70 5.72 -28.84
C VAL C 126 0.29 5.15 -28.99
N GLU C 127 0.14 3.84 -28.86
CA GLU C 127 -1.18 3.23 -28.94
C GLU C 127 -2.12 3.79 -27.88
N ILE C 128 -1.65 3.90 -26.64
CA ILE C 128 -2.47 4.42 -25.57
C ILE C 128 -2.72 5.90 -25.77
N PHE C 129 -1.71 6.63 -26.25
CA PHE C 129 -1.89 8.05 -26.57
C PHE C 129 -3.00 8.24 -27.57
N ASP C 130 -3.00 7.45 -28.65
CA ASP C 130 -4.03 7.57 -29.67
C ASP C 130 -5.41 7.29 -29.11
N MET C 131 -5.52 6.30 -28.20
CA MET C 131 -6.81 6.00 -27.59
C MET C 131 -7.29 7.15 -26.72
N LEU C 132 -6.39 7.76 -25.93
CA LEU C 132 -6.75 8.92 -25.13
C LEU C 132 -7.17 10.09 -26.01
N LEU C 133 -6.40 10.38 -27.05
CA LEU C 133 -6.75 11.44 -27.99
C LEU C 133 -8.13 11.19 -28.58
N ALA C 134 -8.39 9.96 -29.02
CA ALA C 134 -9.70 9.63 -29.57
C ALA C 134 -10.81 9.89 -28.56
N THR C 135 -10.60 9.50 -27.30
CA THR C 135 -11.60 9.72 -26.27
C THR C 135 -11.85 11.20 -26.04
N SER C 136 -10.78 11.99 -26.02
CA SER C 136 -10.91 13.43 -25.88
C SER C 136 -11.67 14.02 -27.05
N SER C 137 -11.39 13.56 -28.26
CA SER C 137 -12.12 14.06 -29.42
C SER C 137 -13.60 13.69 -29.31
N ARG C 138 -13.90 12.52 -28.76
CA ARG C 138 -15.29 12.13 -28.61
C ARG C 138 -16.00 13.01 -27.60
N PHE C 139 -15.36 13.31 -26.48
CA PHE C 139 -15.92 14.25 -25.50
C PHE C 139 -16.12 15.63 -26.11
N ARG C 140 -15.18 16.09 -26.92
CA ARG C 140 -15.35 17.35 -27.65
C ARG C 140 -16.57 17.29 -28.56
N MET C 141 -16.70 16.20 -29.35
CA MET C 141 -17.81 16.08 -30.28
C MET C 141 -19.16 16.03 -29.56
N MET C 142 -19.19 15.50 -28.34
CA MET C 142 -20.42 15.46 -27.55
C MET C 142 -20.64 16.73 -26.77
N ASN C 143 -19.72 17.70 -26.84
CA ASN C 143 -19.77 18.89 -26.00
C ASN C 143 -19.99 18.55 -24.52
N LEU C 144 -19.18 17.64 -23.99
CA LEU C 144 -19.29 17.27 -22.58
C LEU C 144 -19.14 18.50 -21.70
N GLN C 145 -20.01 18.64 -20.72
CA GLN C 145 -20.02 19.77 -19.80
C GLN C 145 -19.30 19.40 -18.49
N GLY C 146 -18.83 20.44 -17.78
CA GLY C 146 -18.13 20.21 -16.52
C GLY C 146 -18.96 19.43 -15.52
N GLU C 147 -20.24 19.80 -15.39
CA GLU C 147 -21.16 19.13 -14.45
C GLU C 147 -21.36 17.65 -14.81
N GLU C 148 -21.42 17.33 -16.11
CA GLU C 148 -21.46 15.93 -16.52
C GLU C 148 -20.15 15.22 -16.22
N PHE C 149 -19.02 15.85 -16.50
CA PHE C 149 -17.71 15.29 -16.24
C PHE C 149 -17.55 14.81 -14.80
N VAL C 150 -17.92 15.65 -13.83
CA VAL C 150 -17.70 15.29 -12.43
C VAL C 150 -18.59 14.12 -12.05
N CYS C 151 -19.78 14.02 -12.67
CA CYS C 151 -20.68 12.91 -12.38
C CYS C 151 -20.02 11.65 -12.96
N LEU C 152 -19.46 11.71 -14.19
CA LEU C 152 -18.82 10.54 -14.78
C LEU C 152 -17.61 10.09 -13.95
N LYS C 153 -16.83 11.04 -13.46
CA LYS C 153 -15.64 10.70 -12.68
C LYS C 153 -16.03 10.00 -11.37
N SER C 154 -17.12 10.47 -10.74
CA SER C 154 -17.65 9.82 -9.55
C SER C 154 -18.19 8.44 -9.83
N ILE C 155 -18.85 8.26 -10.98
CA ILE C 155 -19.32 6.95 -11.41
C ILE C 155 -18.14 5.99 -11.54
N ILE C 156 -17.05 6.42 -12.18
CA ILE C 156 -15.86 5.55 -12.32
C ILE C 156 -15.37 5.09 -10.93
N LEU C 157 -15.30 6.00 -9.98
CA LEU C 157 -14.82 5.66 -8.64
C LEU C 157 -15.69 4.58 -8.01
N LEU C 158 -17.01 4.75 -8.09
CA LEU C 158 -17.95 3.87 -7.41
C LEU C 158 -18.17 2.56 -8.12
N ASN C 159 -18.04 2.53 -9.46
CA ASN C 159 -18.40 1.37 -10.26
C ASN C 159 -17.22 0.44 -10.58
N SER C 160 -16.02 0.96 -10.68
CA SER C 160 -14.93 0.17 -11.22
C SER C 160 -14.51 -0.97 -10.30
N GLY C 161 -14.88 -0.93 -9.02
CA GLY C 161 -14.45 -1.96 -8.09
C GLY C 161 -15.58 -2.70 -7.39
N VAL C 162 -16.82 -2.21 -7.57
CA VAL C 162 -17.96 -2.82 -6.88
C VAL C 162 -18.12 -4.29 -7.24
N TYR C 163 -17.81 -4.67 -8.47
CA TYR C 163 -17.99 -6.03 -8.94
C TYR C 163 -16.91 -6.96 -8.41
N THR C 164 -15.87 -6.42 -7.76
CA THR C 164 -14.83 -7.20 -7.12
C THR C 164 -14.78 -6.96 -5.61
N PHE C 165 -15.85 -6.46 -5.03
CA PHE C 165 -15.91 -6.61 -3.60
C PHE C 165 -16.13 -8.16 -3.59
N LEU C 166 -17.14 -8.60 -4.36
CA LEU C 166 -17.55 -9.99 -4.63
C LEU C 166 -17.71 -10.86 -3.40
N SER C 167 -18.89 -10.64 -2.83
CA SER C 167 -19.47 -11.06 -1.63
C SER C 167 -19.24 -12.34 -0.97
N SER C 168 -18.32 -12.34 -0.06
CA SER C 168 -18.14 -13.44 0.82
C SER C 168 -18.50 -13.00 2.24
N THR C 169 -18.99 -11.76 2.49
CA THR C 169 -19.45 -11.31 3.79
C THR C 169 -20.81 -10.64 3.66
N LEU C 170 -21.55 -10.62 4.77
CA LEU C 170 -22.81 -9.86 4.81
C LEU C 170 -22.56 -8.38 4.59
N LYS C 171 -21.47 -7.84 5.17
CA LYS C 171 -21.13 -6.44 4.99
C LYS C 171 -20.96 -6.08 3.52
N SER C 172 -20.33 -6.95 2.75
CA SER C 172 -20.14 -6.72 1.32
C SER C 172 -21.46 -6.56 0.60
N LEU C 173 -22.50 -7.27 1.02
CA LEU C 173 -23.81 -7.06 0.38
C LEU C 173 -24.38 -5.68 0.69
N GLU C 174 -24.23 -5.23 1.94
CA GLU C 174 -24.62 -3.88 2.32
C GLU C 174 -23.88 -2.83 1.50
N GLU C 175 -22.57 -3.03 1.30
CA GLU C 175 -21.76 -2.10 0.56
C GLU C 175 -22.19 -2.02 -0.89
N LYS C 176 -22.46 -3.18 -1.51
CA LYS C 176 -22.90 -3.22 -2.89
C LYS C 176 -24.24 -2.52 -3.06
N ASP C 177 -25.19 -2.74 -2.15
CA ASP C 177 -26.48 -2.09 -2.21
C ASP C 177 -26.35 -0.57 -2.06
N HIS C 178 -25.46 -0.12 -1.18
CA HIS C 178 -25.20 1.30 -1.02
C HIS C 178 -24.63 1.91 -2.29
N ILE C 179 -23.61 1.27 -2.89
CA ILE C 179 -23.05 1.75 -4.15
C ILE C 179 -24.13 1.83 -5.22
N HIS C 180 -25.01 0.83 -5.31
CA HIS C 180 -26.08 0.84 -6.30
C HIS C 180 -26.96 2.06 -6.11
N ARG C 181 -27.31 2.36 -4.87
CA ARG C 181 -28.20 3.47 -4.59
C ARG C 181 -27.54 4.79 -4.92
N VAL C 182 -26.24 4.94 -4.59
CA VAL C 182 -25.55 6.18 -4.91
C VAL C 182 -25.44 6.35 -6.41
N LEU C 183 -25.11 5.26 -7.11
CA LEU C 183 -25.03 5.30 -8.57
C LEU C 183 -26.37 5.70 -9.19
N ASP C 184 -27.49 5.18 -8.66
CA ASP C 184 -28.82 5.61 -9.10
C ASP C 184 -29.01 7.12 -8.92
N LYS C 185 -28.54 7.66 -7.80
CA LYS C 185 -28.64 9.11 -7.53
C LYS C 185 -27.78 9.92 -8.50
N ILE C 186 -26.57 9.44 -8.82
CA ILE C 186 -25.76 10.12 -9.81
C ILE C 186 -26.40 10.06 -11.20
N THR C 187 -27.04 8.95 -11.54
CA THR C 187 -27.77 8.86 -12.80
C THR C 187 -28.89 9.89 -12.86
N ASP C 188 -29.68 9.98 -11.79
CA ASP C 188 -30.72 10.99 -11.68
C ASP C 188 -30.14 12.40 -11.90
N THR C 189 -28.93 12.65 -11.40
CA THR C 189 -28.29 13.93 -11.53
C THR C 189 -27.89 14.21 -12.96
N LEU C 190 -27.35 13.21 -13.66
CA LEU C 190 -26.98 13.34 -15.06
C LEU C 190 -28.22 13.67 -15.91
N ILE C 191 -29.30 12.93 -15.71
CA ILE C 191 -30.55 13.19 -16.41
C ILE C 191 -31.06 14.60 -16.13
N HIS C 192 -31.03 15.04 -14.87
CA HIS C 192 -31.46 16.37 -14.48
C HIS C 192 -30.69 17.45 -15.24
N LEU C 193 -29.37 17.28 -15.34
CA LEU C 193 -28.53 18.19 -16.10
C LEU C 193 -28.93 18.24 -17.57
N MET C 194 -29.21 17.08 -18.15
CA MET C 194 -29.55 17.01 -19.56
C MET C 194 -30.93 17.59 -19.80
N ALA C 195 -31.89 17.32 -18.91
CA ALA C 195 -33.21 17.93 -19.02
C ALA C 195 -33.15 19.44 -18.92
N LYS C 196 -32.31 19.96 -18.02
CA LYS C 196 -32.14 21.39 -17.88
C LYS C 196 -31.51 22.00 -19.12
N ALA C 197 -30.59 21.27 -19.77
CA ALA C 197 -30.00 21.70 -21.02
C ALA C 197 -31.01 21.74 -22.16
N GLY C 198 -32.21 21.19 -21.98
CA GLY C 198 -33.26 21.29 -22.98
C GLY C 198 -33.43 20.05 -23.83
N LEU C 199 -32.74 18.96 -23.51
CA LEU C 199 -32.85 17.76 -24.32
C LEU C 199 -34.21 17.11 -24.14
N THR C 200 -34.76 16.56 -25.23
CA THR C 200 -35.96 15.76 -25.11
C THR C 200 -35.65 14.49 -24.30
N LEU C 201 -36.71 13.79 -23.88
CA LEU C 201 -36.51 12.54 -23.14
C LEU C 201 -35.67 11.53 -23.94
N GLN C 202 -36.02 11.31 -25.21
CA GLN C 202 -35.27 10.38 -26.05
C GLN C 202 -33.80 10.78 -26.08
N GLN C 203 -33.54 12.07 -26.27
CA GLN C 203 -32.16 12.56 -26.34
C GLN C 203 -31.43 12.36 -25.01
N GLN C 204 -32.13 12.54 -23.89
CA GLN C 204 -31.53 12.35 -22.58
C GLN C 204 -31.04 10.92 -22.43
N HIS C 205 -31.90 9.95 -22.75
CA HIS C 205 -31.54 8.55 -22.64
C HIS C 205 -30.42 8.19 -23.60
N GLN C 206 -30.43 8.75 -24.82
CA GLN C 206 -29.37 8.44 -25.76
C GLN C 206 -28.04 9.02 -25.29
N ARG C 207 -28.06 10.24 -24.76
CA ARG C 207 -26.83 10.85 -24.27
C ARG C 207 -26.27 10.10 -23.07
N LEU C 208 -27.13 9.77 -22.11
CA LEU C 208 -26.71 8.98 -20.96
C LEU C 208 -25.99 7.74 -21.45
N ALA C 209 -26.63 7.01 -22.38
CA ALA C 209 -26.06 5.76 -22.87
C ALA C 209 -24.70 6.00 -23.52
N GLN C 210 -24.60 7.02 -24.37
CA GLN C 210 -23.33 7.28 -25.05
C GLN C 210 -22.23 7.61 -24.06
N LEU C 211 -22.55 8.39 -23.01
CA LEU C 211 -21.53 8.71 -22.02
C LEU C 211 -21.12 7.47 -21.24
N LEU C 212 -22.08 6.63 -20.83
CA LEU C 212 -21.76 5.42 -20.09
C LEU C 212 -20.98 4.41 -20.93
N LEU C 213 -21.25 4.34 -22.24
CA LEU C 213 -20.51 3.45 -23.12
C LEU C 213 -19.05 3.87 -23.24
N ILE C 214 -18.76 5.16 -23.20
CA ILE C 214 -17.38 5.65 -23.19
C ILE C 214 -16.64 5.18 -21.95
N LEU C 215 -17.34 4.99 -20.84
CA LEU C 215 -16.68 4.52 -19.62
C LEU C 215 -16.07 3.13 -19.84
N SER C 216 -16.68 2.31 -20.72
CA SER C 216 -16.11 1.02 -21.02
C SER C 216 -14.81 1.19 -21.77
N HIS C 217 -14.72 2.21 -22.65
CA HIS C 217 -13.46 2.49 -23.33
C HIS C 217 -12.41 2.99 -22.36
N ILE C 218 -12.80 3.82 -21.39
CA ILE C 218 -11.85 4.29 -20.36
C ILE C 218 -11.29 3.12 -19.57
N ARG C 219 -12.15 2.18 -19.20
CA ARG C 219 -11.69 0.97 -18.55
C ARG C 219 -10.67 0.23 -19.40
N HIS C 220 -10.94 0.11 -20.69
CA HIS C 220 -10.06 -0.61 -21.59
C HIS C 220 -8.69 0.06 -21.62
N MET C 221 -8.69 1.37 -21.77
CA MET C 221 -7.46 2.16 -21.76
C MET C 221 -6.70 2.00 -20.45
N SER C 222 -7.41 2.01 -19.32
CA SER C 222 -6.78 1.77 -18.03
C SER C 222 -6.08 0.41 -18.01
N ASN C 223 -6.75 -0.65 -18.44
CA ASN C 223 -6.13 -1.97 -18.47
C ASN C 223 -4.90 -2.01 -19.36
N LYS C 224 -4.98 -1.42 -20.56
CA LYS C 224 -3.82 -1.35 -21.44
C LYS C 224 -2.72 -0.52 -20.81
N GLY C 225 -3.10 0.56 -20.13
CA GLY C 225 -2.14 1.41 -19.46
C GLY C 225 -1.41 0.70 -18.34
N MET C 226 -2.12 -0.12 -17.55
CA MET C 226 -1.50 -0.91 -16.50
C MET C 226 -0.51 -1.91 -17.05
N GLU C 227 -0.87 -2.57 -18.14
CA GLU C 227 0.08 -3.45 -18.82
C GLU C 227 1.33 -2.67 -19.23
N HIS C 228 1.12 -1.51 -19.83
CA HIS C 228 2.23 -0.67 -20.27
C HIS C 228 3.09 -0.19 -19.11
N LEU C 229 2.44 0.24 -18.02
CA LEU C 229 3.18 0.70 -16.85
C LEU C 229 3.99 -0.44 -16.25
N TYR C 230 3.45 -1.66 -16.26
CA TYR C 230 4.22 -2.81 -15.79
C TYR C 230 5.49 -3.00 -16.62
N SER C 231 5.37 -2.86 -17.95
CA SER C 231 6.55 -2.91 -18.81
C SER C 231 7.56 -1.82 -18.45
N MET C 232 7.08 -0.62 -18.14
CA MET C 232 7.97 0.49 -17.78
C MET C 232 8.63 0.23 -16.43
N LYS C 233 7.95 -0.45 -15.51
CA LYS C 233 8.57 -0.80 -14.24
C LYS C 233 9.72 -1.78 -14.44
N CYS C 234 9.58 -2.68 -15.40
CA CYS C 234 10.66 -3.61 -15.71
C CYS C 234 11.90 -2.85 -16.17
N LYS C 235 11.71 -1.74 -16.86
CA LYS C 235 12.80 -0.91 -17.35
C LYS C 235 13.30 0.09 -16.31
N ASN C 236 12.80 0.01 -15.08
CA ASN C 236 13.06 1.03 -14.05
C ASN C 236 12.81 2.43 -14.58
N VAL C 237 11.78 2.56 -15.41
CA VAL C 237 11.32 3.86 -15.91
C VAL C 237 10.17 4.39 -15.06
N VAL C 238 9.46 3.53 -14.34
CA VAL C 238 8.40 3.93 -13.40
C VAL C 238 8.65 3.14 -12.12
N PRO C 239 8.36 3.70 -10.94
CA PRO C 239 8.58 2.96 -9.69
C PRO C 239 7.55 1.86 -9.52
N SER C 240 7.90 0.86 -8.69
CA SER C 240 7.11 -0.35 -8.58
C SER C 240 6.88 -0.78 -7.13
N TYR C 241 5.62 -1.14 -6.82
CA TYR C 241 5.26 -1.73 -5.52
C TYR C 241 4.31 -2.93 -5.71
N ASP C 242 4.47 -3.67 -6.80
CA ASP C 242 3.57 -4.78 -7.10
C ASP C 242 3.74 -5.92 -6.10
N LEU C 243 4.95 -6.15 -5.62
CA LEU C 243 5.17 -7.28 -4.72
C LEU C 243 4.66 -7.00 -3.31
N LEU C 244 4.66 -5.74 -2.89
CA LEU C 244 4.06 -5.36 -1.62
C LEU C 244 2.56 -5.56 -1.67
N LEU C 245 1.93 -5.07 -2.74
CA LEU C 245 0.48 -5.20 -2.90
C LEU C 245 0.07 -6.68 -3.00
N GLU C 246 0.88 -7.51 -3.65
CA GLU C 246 0.60 -8.93 -3.68
C GLU C 246 0.46 -9.50 -2.28
N MET C 247 1.33 -9.08 -1.35
CA MET C 247 1.26 -9.59 0.01
C MET C 247 -0.03 -9.18 0.71
N LEU C 248 -0.60 -8.03 0.35
CA LEU C 248 -1.83 -7.56 0.96
C LEU C 248 -3.05 -8.44 0.62
N ASP C 249 -2.88 -9.50 -0.15
CA ASP C 249 -3.97 -10.45 -0.41
C ASP C 249 -4.01 -11.52 0.68
N ALA C 250 -4.74 -11.23 1.75
CA ALA C 250 -5.20 -12.23 2.73
C ALA C 250 -5.63 -11.54 4.03
N ASN D 8 -29.87 3.71 -46.25
CA ASN D 8 -30.24 2.44 -46.86
C ASN D 8 -30.14 1.28 -45.87
N SER D 9 -29.71 1.58 -44.64
CA SER D 9 -29.52 0.53 -43.65
C SER D 9 -30.88 0.08 -43.11
N LEU D 10 -31.09 -1.24 -43.09
CA LEU D 10 -32.32 -1.78 -42.53
C LEU D 10 -32.42 -1.48 -41.04
N ALA D 11 -31.29 -1.58 -40.33
CA ALA D 11 -31.29 -1.38 -38.88
C ALA D 11 -31.90 -0.04 -38.50
N LEU D 12 -31.53 1.03 -39.19
CA LEU D 12 -32.00 2.35 -38.83
C LEU D 12 -33.45 2.60 -39.21
N SER D 13 -34.05 1.74 -40.02
CA SER D 13 -35.47 1.89 -40.39
C SER D 13 -36.39 1.06 -39.50
N LEU D 14 -35.84 0.17 -38.67
CA LEU D 14 -36.65 -0.71 -37.85
C LEU D 14 -37.21 0.06 -36.66
N THR D 15 -38.44 -0.31 -36.25
CA THR D 15 -38.96 0.16 -34.98
C THR D 15 -38.28 -0.56 -33.81
N ALA D 16 -38.58 -0.11 -32.59
CA ALA D 16 -38.04 -0.79 -31.42
C ALA D 16 -38.56 -2.22 -31.33
N ASP D 17 -39.84 -2.42 -31.60
CA ASP D 17 -40.41 -3.76 -31.57
C ASP D 17 -39.76 -4.66 -32.61
N GLN D 18 -39.50 -4.13 -33.80
CA GLN D 18 -38.83 -4.92 -34.84
C GLN D 18 -37.40 -5.25 -34.44
N MET D 19 -36.70 -4.28 -33.84
CA MET D 19 -35.33 -4.50 -33.37
C MET D 19 -35.28 -5.66 -32.37
N VAL D 20 -36.20 -5.65 -31.41
CA VAL D 20 -36.24 -6.71 -30.39
C VAL D 20 -36.42 -8.06 -31.07
N SER D 21 -37.36 -8.13 -32.02
CA SER D 21 -37.63 -9.36 -32.75
C SER D 21 -36.40 -9.83 -33.49
N ALA D 22 -35.74 -8.92 -34.21
CA ALA D 22 -34.53 -9.26 -34.94
C ALA D 22 -33.46 -9.83 -34.00
N LEU D 23 -33.25 -9.17 -32.86
CA LEU D 23 -32.19 -9.56 -31.93
C LEU D 23 -32.51 -10.92 -31.32
N LEU D 24 -33.76 -11.15 -30.93
CA LEU D 24 -34.12 -12.46 -30.38
C LEU D 24 -33.98 -13.54 -31.44
N ASP D 25 -34.38 -13.24 -32.69
CA ASP D 25 -34.28 -14.21 -33.77
C ASP D 25 -32.85 -14.61 -34.06
N ALA D 26 -31.90 -13.72 -33.78
CA ALA D 26 -30.49 -13.95 -34.08
C ALA D 26 -29.78 -14.86 -33.09
N GLU D 27 -30.43 -15.23 -31.98
CA GLU D 27 -29.73 -15.91 -30.90
C GLU D 27 -29.10 -17.21 -31.39
N PRO D 28 -27.90 -17.55 -30.92
CA PRO D 28 -27.23 -18.76 -31.40
C PRO D 28 -27.73 -19.99 -30.68
N PRO D 29 -27.44 -21.17 -31.21
CA PRO D 29 -27.84 -22.41 -30.51
C PRO D 29 -27.06 -22.60 -29.22
N ILE D 30 -27.61 -23.42 -28.33
CA ILE D 30 -26.93 -23.79 -27.11
C ILE D 30 -26.11 -25.03 -27.39
N LEU D 31 -24.80 -24.94 -27.18
CA LEU D 31 -23.90 -26.06 -27.44
C LEU D 31 -23.69 -26.88 -26.18
N TYR D 32 -23.57 -28.19 -26.37
CA TYR D 32 -23.15 -29.12 -25.33
C TYR D 32 -21.66 -29.39 -25.50
N SER D 33 -20.94 -29.53 -24.38
CA SER D 33 -19.53 -29.86 -24.46
C SER D 33 -19.33 -31.26 -25.04
N GLU D 34 -18.35 -31.39 -25.94
CA GLU D 34 -18.01 -32.67 -26.57
C GLU D 34 -16.70 -33.24 -26.03
N TYR D 35 -15.60 -32.51 -26.21
CA TYR D 35 -14.31 -32.84 -25.61
C TYR D 35 -14.41 -33.66 -24.32
N ARG D 39 -9.01 -36.83 -20.88
CA ARG D 39 -8.79 -38.01 -20.05
C ARG D 39 -8.50 -37.62 -18.59
N PRO D 40 -7.52 -36.75 -18.37
CA PRO D 40 -7.28 -36.25 -17.00
C PRO D 40 -7.85 -34.85 -16.82
N PHE D 41 -8.67 -34.63 -15.79
CA PHE D 41 -9.16 -33.28 -15.49
C PHE D 41 -8.05 -32.47 -14.82
N SER D 42 -7.05 -32.13 -15.65
CA SER D 42 -5.85 -31.43 -15.23
C SER D 42 -5.92 -29.97 -15.67
N GLU D 43 -4.76 -29.32 -15.78
CA GLU D 43 -4.72 -27.94 -16.25
C GLU D 43 -4.80 -27.88 -17.78
N ALA D 44 -3.94 -28.65 -18.45
CA ALA D 44 -3.91 -28.64 -19.92
C ALA D 44 -5.19 -29.22 -20.50
N SER D 45 -5.86 -30.11 -19.77
CA SER D 45 -7.12 -30.67 -20.24
C SER D 45 -8.29 -29.74 -19.94
N MET D 46 -8.24 -29.04 -18.80
CA MET D 46 -9.24 -28.01 -18.54
C MET D 46 -9.22 -26.95 -19.63
N MET D 47 -8.04 -26.49 -20.02
CA MET D 47 -7.94 -25.51 -21.08
C MET D 47 -8.36 -26.09 -22.42
N GLY D 48 -8.06 -27.36 -22.67
CA GLY D 48 -8.54 -27.99 -23.90
C GLY D 48 -10.05 -28.03 -23.97
N LEU D 49 -10.69 -28.41 -22.86
CA LEU D 49 -12.15 -28.43 -22.80
C LEU D 49 -12.73 -27.05 -23.10
N LEU D 50 -12.17 -26.00 -22.49
CA LEU D 50 -12.72 -24.67 -22.64
C LEU D 50 -12.41 -24.12 -24.03
N THR D 51 -11.19 -24.38 -24.53
CA THR D 51 -10.82 -23.91 -25.87
C THR D 51 -11.67 -24.59 -26.93
N ASN D 52 -11.97 -25.87 -26.77
CA ASN D 52 -12.78 -26.57 -27.76
C ASN D 52 -14.20 -26.03 -27.78
N LEU D 53 -14.77 -25.78 -26.59
CA LEU D 53 -16.09 -25.17 -26.52
C LEU D 53 -16.09 -23.77 -27.11
N ALA D 54 -15.09 -22.95 -26.75
CA ALA D 54 -14.98 -21.61 -27.30
C ALA D 54 -14.90 -21.64 -28.82
N ASP D 55 -14.08 -22.54 -29.35
CA ASP D 55 -13.93 -22.66 -30.79
C ASP D 55 -15.27 -22.94 -31.45
N ARG D 56 -16.04 -23.87 -30.90
CA ARG D 56 -17.34 -24.21 -31.48
C ARG D 56 -18.33 -23.07 -31.35
N GLU D 57 -18.31 -22.36 -30.22
CA GLU D 57 -19.22 -21.25 -30.03
C GLU D 57 -18.90 -20.12 -31.01
N LEU D 58 -17.61 -19.91 -31.28
CA LEU D 58 -17.18 -18.82 -32.16
C LEU D 58 -17.76 -18.98 -33.55
N VAL D 59 -17.83 -20.22 -34.07
CA VAL D 59 -18.48 -20.46 -35.36
C VAL D 59 -19.89 -19.87 -35.36
N HIS D 60 -20.67 -20.20 -34.32
CA HIS D 60 -22.03 -19.66 -34.24
C HIS D 60 -22.06 -18.17 -33.93
N MET D 61 -21.05 -17.68 -33.25
CA MET D 61 -21.00 -16.25 -32.93
C MET D 61 -20.85 -15.42 -34.18
N ILE D 62 -20.02 -15.87 -35.13
CA ILE D 62 -19.85 -15.14 -36.38
C ILE D 62 -21.19 -14.94 -37.06
N ASN D 63 -22.01 -15.99 -37.07
CA ASN D 63 -23.30 -15.92 -37.75
C ASN D 63 -24.30 -15.05 -37.00
N TRP D 64 -24.27 -15.10 -35.66
CA TRP D 64 -25.06 -14.18 -34.85
C TRP D 64 -24.68 -12.74 -35.16
N ALA D 65 -23.38 -12.45 -35.18
CA ALA D 65 -22.91 -11.09 -35.41
C ALA D 65 -23.42 -10.54 -36.74
N LYS D 66 -23.36 -11.35 -37.80
CA LYS D 66 -23.80 -10.89 -39.11
C LYS D 66 -25.29 -10.57 -39.11
N ARG D 67 -26.03 -11.06 -38.14
CA ARG D 67 -27.47 -10.81 -38.03
C ARG D 67 -27.81 -9.67 -37.09
N VAL D 68 -26.81 -9.11 -36.40
CA VAL D 68 -27.05 -7.95 -35.55
C VAL D 68 -27.32 -6.76 -36.47
N PRO D 69 -28.52 -6.19 -36.48
CA PRO D 69 -28.80 -5.08 -37.40
C PRO D 69 -27.71 -4.01 -37.34
N GLY D 70 -27.23 -3.60 -38.52
CA GLY D 70 -26.15 -2.64 -38.67
C GLY D 70 -24.79 -3.25 -38.95
N PHE D 71 -24.54 -4.47 -38.45
CA PHE D 71 -23.20 -5.05 -38.59
C PHE D 71 -22.87 -5.30 -40.05
N VAL D 72 -23.84 -5.83 -40.81
CA VAL D 72 -23.63 -6.18 -42.20
C VAL D 72 -23.34 -4.97 -43.07
N ASP D 73 -23.71 -3.77 -42.62
CA ASP D 73 -23.43 -2.57 -43.40
C ASP D 73 -21.95 -2.20 -43.40
N LEU D 74 -21.16 -2.71 -42.47
CA LEU D 74 -19.75 -2.35 -42.36
C LEU D 74 -18.92 -3.16 -43.36
N THR D 75 -17.74 -2.65 -43.66
CA THR D 75 -16.77 -3.40 -44.47
C THR D 75 -16.43 -4.71 -43.78
N SER D 76 -16.04 -5.72 -44.59
CA SER D 76 -15.52 -6.95 -44.01
C SER D 76 -14.35 -6.68 -43.08
N HIS D 77 -13.54 -5.65 -43.39
CA HIS D 77 -12.39 -5.33 -42.54
C HIS D 77 -12.84 -4.76 -41.20
N ASP D 78 -13.87 -3.92 -41.22
CA ASP D 78 -14.36 -3.36 -39.96
C ASP D 78 -15.09 -4.43 -39.15
N GLN D 79 -15.78 -5.34 -39.83
CA GLN D 79 -16.46 -6.43 -39.12
C GLN D 79 -15.46 -7.31 -38.40
N VAL D 80 -14.34 -7.61 -39.05
CA VAL D 80 -13.29 -8.39 -38.39
C VAL D 80 -12.74 -7.64 -37.19
N HIS D 81 -12.49 -6.33 -37.35
CA HIS D 81 -11.94 -5.53 -36.25
C HIS D 81 -12.86 -5.55 -35.03
N LEU D 82 -14.16 -5.30 -35.25
CA LEU D 82 -15.09 -5.33 -34.14
C LEU D 82 -15.12 -6.70 -33.46
N LEU D 83 -15.10 -7.78 -34.25
CA LEU D 83 -15.15 -9.11 -33.67
C LEU D 83 -13.86 -9.41 -32.91
N GLU D 84 -12.72 -8.99 -33.45
CA GLU D 84 -11.42 -9.18 -32.81
C GLU D 84 -11.36 -8.53 -31.43
N YCM D 85 -12.21 -7.55 -31.22
CA YCM D 85 -12.17 -6.69 -30.04
CB YCM D 85 -12.51 -5.20 -30.31
SG YCM D 85 -11.19 -4.31 -31.04
CD YCM D 85 -10.56 -3.31 -29.71
CE YCM D 85 -9.85 -4.11 -28.66
OZ1 YCM D 85 -10.31 -4.23 -27.51
NZ2 YCM D 85 -8.66 -4.71 -29.01
C YCM D 85 -13.17 -7.26 -29.02
O YCM D 85 -12.97 -7.23 -27.82
H YCM D 85 -13.13 -7.50 -31.61
HA YCM D 85 -11.11 -6.66 -29.62
HB2 YCM D 85 -12.77 -4.68 -29.36
HB3 YCM D 85 -13.38 -5.12 -31.02
HD2 YCM D 85 -11.39 -2.76 -29.19
HD3 YCM D 85 -9.83 -2.55 -30.10
HZ21 YCM D 85 -8.31 -4.61 -29.93
HZ22 YCM D 85 -8.15 -5.24 -28.36
N ALA D 86 -14.27 -7.82 -29.53
CA ALA D 86 -15.40 -8.17 -28.72
C ALA D 86 -15.65 -9.63 -28.46
N TRP D 87 -14.95 -10.52 -29.16
CA TRP D 87 -15.32 -11.94 -29.14
C TRP D 87 -15.35 -12.52 -27.74
N LEU D 88 -14.38 -12.16 -26.90
CA LEU D 88 -14.34 -12.74 -25.55
C LEU D 88 -15.39 -12.11 -24.64
N GLU D 89 -15.62 -10.80 -24.75
CA GLU D 89 -16.71 -10.17 -24.03
C GLU D 89 -18.00 -10.91 -24.35
N ILE D 90 -18.19 -11.28 -25.62
CA ILE D 90 -19.43 -11.93 -26.03
C ILE D 90 -19.53 -13.33 -25.46
N LEU D 91 -18.44 -14.10 -25.50
CA LEU D 91 -18.45 -15.42 -24.88
C LEU D 91 -18.76 -15.30 -23.39
N MET D 92 -18.18 -14.31 -22.72
CA MET D 92 -18.32 -14.14 -21.28
C MET D 92 -19.73 -13.71 -20.90
N ILE D 93 -20.34 -12.79 -21.66
CA ILE D 93 -21.70 -12.37 -21.31
C ILE D 93 -22.67 -13.53 -21.52
N GLY D 94 -22.44 -14.35 -22.54
CA GLY D 94 -23.25 -15.55 -22.71
C GLY D 94 -23.12 -16.48 -21.53
N LEU D 95 -21.87 -16.71 -21.09
CA LEU D 95 -21.61 -17.57 -19.94
C LEU D 95 -22.31 -17.02 -18.69
N VAL D 96 -22.17 -15.71 -18.45
CA VAL D 96 -22.80 -15.10 -17.29
C VAL D 96 -24.32 -15.27 -17.33
N TRP D 97 -24.91 -15.06 -18.49
CA TRP D 97 -26.36 -15.25 -18.64
C TRP D 97 -26.78 -16.68 -18.35
N ARG D 98 -26.09 -17.64 -18.97
CA ARG D 98 -26.38 -19.06 -18.74
C ARG D 98 -26.25 -19.44 -17.27
N SER D 99 -25.37 -18.79 -16.52
CA SER D 99 -25.07 -19.19 -15.16
C SER D 99 -25.91 -18.45 -14.11
N MET D 100 -26.85 -17.62 -14.55
CA MET D 100 -27.61 -16.82 -13.61
C MET D 100 -28.34 -17.68 -12.58
N GLU D 101 -28.95 -18.77 -13.04
CA GLU D 101 -29.73 -19.64 -12.17
C GLU D 101 -28.89 -20.74 -11.52
N HIS D 102 -27.56 -20.61 -11.54
CA HIS D 102 -26.65 -21.55 -10.91
C HIS D 102 -25.69 -20.78 -10.00
N PRO D 103 -26.20 -20.23 -8.90
CA PRO D 103 -25.34 -19.47 -7.99
C PRO D 103 -24.08 -20.23 -7.59
N GLY D 104 -22.94 -19.54 -7.63
CA GLY D 104 -21.69 -20.15 -7.25
C GLY D 104 -21.06 -21.06 -8.29
N LYS D 105 -21.72 -21.23 -9.43
CA LYS D 105 -21.23 -22.11 -10.48
C LYS D 105 -21.30 -21.38 -11.82
N LEU D 106 -20.50 -21.88 -12.77
CA LEU D 106 -20.46 -21.35 -14.13
C LEU D 106 -20.95 -22.44 -15.07
N LEU D 107 -22.02 -22.15 -15.82
CA LEU D 107 -22.62 -23.12 -16.73
C LEU D 107 -22.03 -22.89 -18.12
N PHE D 108 -20.84 -23.44 -18.35
CA PHE D 108 -20.22 -23.31 -19.66
C PHE D 108 -21.09 -23.99 -20.72
N ALA D 109 -21.74 -25.09 -20.36
CA ALA D 109 -22.68 -25.81 -21.22
C ALA D 109 -23.60 -26.63 -20.32
N PRO D 110 -24.75 -27.07 -20.81
CA PRO D 110 -25.66 -27.85 -19.95
C PRO D 110 -25.01 -29.07 -19.34
N ASN D 111 -24.02 -29.65 -20.01
CA ASN D 111 -23.29 -30.81 -19.50
C ASN D 111 -21.90 -30.45 -19.01
N LEU D 112 -21.65 -29.14 -18.73
CA LEU D 112 -20.36 -28.69 -18.21
C LEU D 112 -20.65 -27.55 -17.23
N LEU D 113 -21.05 -27.94 -16.01
CA LEU D 113 -21.28 -27.01 -14.92
C LEU D 113 -20.08 -27.10 -13.98
N LEU D 114 -19.37 -25.99 -13.83
CA LEU D 114 -18.12 -25.98 -13.06
C LEU D 114 -18.30 -25.14 -11.80
N ASP D 115 -17.85 -25.67 -10.68
CA ASP D 115 -17.87 -24.90 -9.45
C ASP D 115 -16.78 -23.83 -9.49
N ARG D 116 -17.00 -22.76 -8.73
CA ARG D 116 -15.96 -21.75 -8.57
C ARG D 116 -14.58 -22.39 -8.31
N ASN D 117 -14.52 -23.35 -7.39
CA ASN D 117 -13.22 -23.88 -6.98
C ASN D 117 -12.53 -24.68 -8.08
N GLN D 118 -13.26 -25.07 -9.12
CA GLN D 118 -12.63 -25.82 -10.21
C GLN D 118 -11.82 -24.93 -11.13
N GLY D 119 -11.93 -23.60 -10.99
CA GLY D 119 -11.01 -22.72 -11.66
C GLY D 119 -9.60 -22.83 -11.15
N LYS D 120 -9.40 -23.36 -9.93
CA LYS D 120 -8.06 -23.46 -9.37
C LYS D 120 -7.17 -24.37 -10.21
N CYS D 121 -7.78 -25.30 -10.96
CA CYS D 121 -7.02 -26.23 -11.77
C CYS D 121 -6.13 -25.53 -12.79
N VAL D 122 -6.42 -24.27 -13.12
CA VAL D 122 -5.62 -23.50 -14.07
C VAL D 122 -5.06 -22.29 -13.33
N GLU D 123 -3.74 -22.16 -13.32
CA GLU D 123 -3.10 -21.04 -12.64
C GLU D 123 -3.63 -19.72 -13.21
N GLY D 124 -4.19 -18.89 -12.34
CA GLY D 124 -4.70 -17.59 -12.72
C GLY D 124 -6.16 -17.55 -13.09
N MET D 125 -6.87 -18.68 -13.03
CA MET D 125 -8.22 -18.71 -13.57
C MET D 125 -9.28 -18.39 -12.51
N VAL D 126 -9.06 -18.74 -11.24
CA VAL D 126 -10.11 -18.53 -10.25
C VAL D 126 -10.44 -17.05 -10.14
N GLU D 127 -9.43 -16.18 -10.22
CA GLU D 127 -9.69 -14.74 -10.21
C GLU D 127 -10.69 -14.36 -11.29
N ILE D 128 -10.56 -14.94 -12.49
CA ILE D 128 -11.49 -14.64 -13.56
C ILE D 128 -12.85 -15.27 -13.28
N PHE D 129 -12.86 -16.52 -12.75
CA PHE D 129 -14.13 -17.14 -12.40
C PHE D 129 -14.89 -16.26 -11.40
N ASP D 130 -14.19 -15.73 -10.40
CA ASP D 130 -14.83 -14.88 -9.39
C ASP D 130 -15.50 -13.67 -10.03
N MET D 131 -14.84 -13.03 -10.99
CA MET D 131 -15.42 -11.86 -11.66
C MET D 131 -16.65 -12.25 -12.46
N LEU D 132 -16.58 -13.38 -13.17
CA LEU D 132 -17.74 -13.89 -13.90
C LEU D 132 -18.90 -14.22 -12.97
N LEU D 133 -18.61 -14.89 -11.86
CA LEU D 133 -19.62 -15.19 -10.86
C LEU D 133 -20.25 -13.89 -10.30
N ALA D 134 -19.43 -12.87 -10.03
CA ALA D 134 -20.00 -11.61 -9.55
C ALA D 134 -20.95 -10.99 -10.58
N THR D 135 -20.63 -11.11 -11.87
CA THR D 135 -21.50 -10.55 -12.90
C THR D 135 -22.83 -11.29 -12.95
N SER D 136 -22.80 -12.62 -12.89
CA SER D 136 -24.02 -13.42 -12.86
C SER D 136 -24.88 -13.07 -11.65
N SER D 137 -24.26 -12.94 -10.47
CA SER D 137 -25.00 -12.47 -9.30
C SER D 137 -25.66 -11.12 -9.55
N ARG D 138 -24.94 -10.17 -10.17
CA ARG D 138 -25.52 -8.87 -10.48
C ARG D 138 -26.71 -9.01 -11.42
N PHE D 139 -26.56 -9.79 -12.50
CA PHE D 139 -27.69 -10.02 -13.40
C PHE D 139 -28.87 -10.61 -12.66
N ARG D 140 -28.61 -11.58 -11.77
CA ARG D 140 -29.70 -12.19 -11.01
C ARG D 140 -30.42 -11.16 -10.15
N MET D 141 -29.66 -10.29 -9.48
CA MET D 141 -30.25 -9.36 -8.55
C MET D 141 -31.08 -8.30 -9.27
N MET D 142 -30.72 -7.97 -10.51
CA MET D 142 -31.50 -7.05 -11.33
C MET D 142 -32.60 -7.76 -12.11
N ASN D 143 -32.71 -9.08 -12.01
CA ASN D 143 -33.67 -9.84 -12.78
C ASN D 143 -33.57 -9.51 -14.27
N LEU D 144 -32.35 -9.59 -14.79
CA LEU D 144 -32.12 -9.29 -16.20
C LEU D 144 -32.99 -10.18 -17.08
N GLN D 145 -33.66 -9.58 -18.05
CA GLN D 145 -34.56 -10.28 -18.95
C GLN D 145 -33.85 -10.61 -20.26
N GLY D 146 -34.30 -11.69 -20.89
CA GLY D 146 -33.73 -12.09 -22.16
C GLY D 146 -33.70 -10.98 -23.19
N GLU D 147 -34.79 -10.22 -23.31
CA GLU D 147 -34.84 -9.15 -24.29
C GLU D 147 -33.75 -8.11 -24.03
N GLU D 148 -33.49 -7.81 -22.76
CA GLU D 148 -32.41 -6.91 -22.39
C GLU D 148 -31.06 -7.53 -22.67
N PHE D 149 -30.90 -8.81 -22.35
CA PHE D 149 -29.64 -9.50 -22.59
C PHE D 149 -29.23 -9.38 -24.05
N VAL D 150 -30.15 -9.65 -24.98
CA VAL D 150 -29.78 -9.58 -26.40
C VAL D 150 -29.38 -8.15 -26.81
N CYS D 151 -30.05 -7.13 -26.25
CA CYS D 151 -29.61 -5.74 -26.51
C CYS D 151 -28.18 -5.52 -26.00
N LEU D 152 -27.88 -6.00 -24.79
CA LEU D 152 -26.54 -5.80 -24.24
C LEU D 152 -25.47 -6.46 -25.11
N LYS D 153 -25.71 -7.71 -25.54
CA LYS D 153 -24.73 -8.40 -26.38
C LYS D 153 -24.50 -7.65 -27.69
N SER D 154 -25.57 -7.14 -28.31
CA SER D 154 -25.43 -6.32 -29.52
C SER D 154 -24.63 -5.06 -29.25
N ILE D 155 -24.89 -4.38 -28.13
CA ILE D 155 -24.11 -3.21 -27.77
C ILE D 155 -22.62 -3.55 -27.65
N ILE D 156 -22.29 -4.66 -26.98
CA ILE D 156 -20.89 -5.07 -26.83
C ILE D 156 -20.21 -5.19 -28.18
N LEU D 157 -20.89 -5.82 -29.15
CA LEU D 157 -20.27 -6.04 -30.45
C LEU D 157 -19.98 -4.71 -31.12
N LEU D 158 -20.95 -3.80 -31.12
CA LEU D 158 -20.80 -2.54 -31.82
C LEU D 158 -19.93 -1.55 -31.06
N ASN D 159 -19.88 -1.63 -29.74
CA ASN D 159 -19.19 -0.60 -28.98
C ASN D 159 -17.73 -0.91 -28.70
N SER D 160 -17.35 -2.17 -28.61
CA SER D 160 -16.05 -2.50 -28.02
C SER D 160 -14.88 -2.17 -28.93
N GLY D 161 -15.10 -2.04 -30.23
CA GLY D 161 -14.04 -1.71 -31.15
C GLY D 161 -14.25 -0.43 -31.91
N VAL D 162 -15.36 0.27 -31.63
CA VAL D 162 -15.65 1.49 -32.37
C VAL D 162 -14.61 2.57 -32.09
N TYR D 163 -14.18 2.68 -30.84
CA TYR D 163 -13.24 3.72 -30.47
C TYR D 163 -11.86 3.49 -31.06
N THR D 164 -11.58 2.27 -31.51
CA THR D 164 -10.29 1.91 -32.09
C THR D 164 -10.27 1.97 -33.60
N PHE D 165 -11.38 2.34 -34.24
CA PHE D 165 -11.41 2.49 -35.70
C PHE D 165 -10.37 3.50 -36.12
N LEU D 170 -11.93 10.43 -42.93
CA LEU D 170 -12.32 9.79 -44.18
C LEU D 170 -13.82 9.49 -44.16
N LYS D 171 -14.20 8.36 -44.74
CA LYS D 171 -15.52 7.76 -44.53
C LYS D 171 -15.51 6.81 -43.34
N SER D 172 -14.34 6.57 -42.74
CA SER D 172 -14.29 5.98 -41.41
C SER D 172 -15.21 6.73 -40.46
N LEU D 173 -15.41 8.02 -40.70
CA LEU D 173 -16.37 8.80 -39.93
C LEU D 173 -17.79 8.36 -40.25
N GLU D 174 -18.07 8.00 -41.50
CA GLU D 174 -19.39 7.50 -41.86
C GLU D 174 -19.66 6.17 -41.16
N GLU D 175 -18.65 5.31 -41.05
CA GLU D 175 -18.83 4.03 -40.38
C GLU D 175 -19.05 4.24 -38.89
N LYS D 176 -18.22 5.07 -38.25
CA LYS D 176 -18.40 5.32 -36.82
C LYS D 176 -19.73 6.01 -36.56
N ASP D 177 -20.15 6.91 -37.45
CA ASP D 177 -21.47 7.53 -37.30
C ASP D 177 -22.58 6.50 -37.47
N HIS D 178 -22.42 5.58 -38.42
CA HIS D 178 -23.38 4.50 -38.55
C HIS D 178 -23.49 3.71 -37.25
N ILE D 179 -22.35 3.31 -36.69
CA ILE D 179 -22.37 2.54 -35.46
C ILE D 179 -23.04 3.31 -34.33
N HIS D 180 -22.77 4.61 -34.24
N HIS D 180 -22.77 4.61 -34.27
CA HIS D 180 -23.38 5.39 -33.17
CA HIS D 180 -23.36 5.46 -33.25
C HIS D 180 -24.89 5.52 -33.35
C HIS D 180 -24.87 5.50 -33.37
N ARG D 181 -25.37 5.59 -34.60
CA ARG D 181 -26.81 5.63 -34.83
C ARG D 181 -27.46 4.30 -34.44
N VAL D 182 -26.81 3.18 -34.80
CA VAL D 182 -27.32 1.87 -34.41
C VAL D 182 -27.36 1.75 -32.88
N LEU D 183 -26.28 2.17 -32.23
CA LEU D 183 -26.25 2.13 -30.77
C LEU D 183 -27.37 2.96 -30.16
N ASP D 184 -27.66 4.12 -30.75
CA ASP D 184 -28.77 4.95 -30.28
C ASP D 184 -30.10 4.21 -30.45
N LYS D 185 -30.23 3.45 -31.53
CA LYS D 185 -31.47 2.70 -31.73
C LYS D 185 -31.61 1.59 -30.71
N ILE D 186 -30.50 0.90 -30.38
CA ILE D 186 -30.56 -0.12 -29.33
C ILE D 186 -30.93 0.51 -28.00
N THR D 187 -30.39 1.69 -27.71
CA THR D 187 -30.77 2.42 -26.49
C THR D 187 -32.29 2.66 -26.47
N ASP D 188 -32.82 3.22 -27.55
CA ASP D 188 -34.27 3.37 -27.69
C ASP D 188 -34.97 2.05 -27.40
N THR D 189 -34.43 0.94 -27.92
CA THR D 189 -35.07 -0.36 -27.77
C THR D 189 -35.10 -0.79 -26.30
N LEU D 190 -33.97 -0.65 -25.60
CA LEU D 190 -33.90 -1.01 -24.19
C LEU D 190 -34.91 -0.19 -23.38
N ILE D 191 -34.96 1.12 -23.62
CA ILE D 191 -35.94 1.97 -22.95
C ILE D 191 -37.36 1.50 -23.22
N HIS D 192 -37.67 1.18 -24.50
CA HIS D 192 -39.01 0.75 -24.86
C HIS D 192 -39.39 -0.53 -24.13
N LEU D 193 -38.47 -1.48 -24.01
CA LEU D 193 -38.75 -2.69 -23.26
C LEU D 193 -39.05 -2.35 -21.81
N MET D 194 -38.28 -1.42 -21.23
CA MET D 194 -38.48 -1.06 -19.82
C MET D 194 -39.80 -0.32 -19.62
N ALA D 195 -40.15 0.55 -20.56
CA ALA D 195 -41.42 1.25 -20.47
C ALA D 195 -42.58 0.26 -20.59
N LYS D 196 -42.51 -0.65 -21.57
CA LYS D 196 -43.53 -1.67 -21.73
C LYS D 196 -43.65 -2.54 -20.48
N ALA D 197 -42.57 -2.68 -19.73
CA ALA D 197 -42.60 -3.47 -18.49
C ALA D 197 -43.21 -2.70 -17.32
N GLY D 198 -43.55 -1.42 -17.50
CA GLY D 198 -44.19 -0.64 -16.46
C GLY D 198 -43.26 0.14 -15.56
N LEU D 199 -41.98 0.22 -15.89
CA LEU D 199 -41.06 1.03 -15.10
C LEU D 199 -41.38 2.51 -15.27
N THR D 200 -41.26 3.27 -14.18
CA THR D 200 -41.38 4.71 -14.29
C THR D 200 -40.22 5.27 -15.13
N LEU D 201 -40.35 6.53 -15.55
CA LEU D 201 -39.28 7.18 -16.29
C LEU D 201 -37.99 7.15 -15.48
N GLN D 202 -38.07 7.47 -14.18
CA GLN D 202 -36.87 7.45 -13.33
C GLN D 202 -36.27 6.05 -13.28
N GLN D 203 -37.11 5.03 -13.07
CA GLN D 203 -36.63 3.66 -13.03
C GLN D 203 -36.01 3.26 -14.36
N GLN D 204 -36.57 3.74 -15.47
CA GLN D 204 -36.05 3.40 -16.78
C GLN D 204 -34.61 3.87 -16.92
N HIS D 205 -34.37 5.16 -16.67
CA HIS D 205 -33.02 5.69 -16.82
C HIS D 205 -32.06 5.07 -15.81
N GLN D 206 -32.53 4.77 -14.59
CA GLN D 206 -31.68 4.12 -13.60
C GLN D 206 -31.29 2.71 -14.03
N ARG D 207 -32.24 1.95 -14.55
CA ARG D 207 -31.96 0.59 -15.00
C ARG D 207 -31.05 0.61 -16.22
N LEU D 208 -31.30 1.52 -17.17
CA LEU D 208 -30.43 1.66 -18.33
C LEU D 208 -28.99 1.86 -17.88
N ALA D 209 -28.80 2.76 -16.91
CA ALA D 209 -27.46 3.07 -16.38
C ALA D 209 -26.83 1.84 -15.74
N GLN D 210 -27.58 1.16 -14.86
CA GLN D 210 -27.02 -0.01 -14.19
C GLN D 210 -26.59 -1.09 -15.20
N LEU D 211 -27.37 -1.28 -16.27
CA LEU D 211 -27.05 -2.26 -17.31
C LEU D 211 -25.78 -1.86 -18.06
N LEU D 212 -25.67 -0.59 -18.44
CA LEU D 212 -24.52 -0.16 -19.22
C LEU D 212 -23.26 -0.09 -18.36
N LEU D 213 -23.39 0.17 -17.07
CA LEU D 213 -22.23 0.14 -16.18
C LEU D 213 -21.62 -1.26 -16.05
N ILE D 214 -22.43 -2.31 -16.15
CA ILE D 214 -21.91 -3.68 -16.11
C ILE D 214 -21.01 -3.95 -17.31
N LEU D 215 -21.27 -3.27 -18.43
CA LEU D 215 -20.44 -3.46 -19.60
C LEU D 215 -19.00 -3.06 -19.33
N SER D 216 -18.78 -2.07 -18.46
CA SER D 216 -17.42 -1.72 -18.06
C SER D 216 -16.74 -2.91 -17.39
N HIS D 217 -17.48 -3.63 -16.54
CA HIS D 217 -16.91 -4.80 -15.89
C HIS D 217 -16.65 -5.93 -16.88
N ILE D 218 -17.55 -6.11 -17.86
CA ILE D 218 -17.36 -7.15 -18.86
C ILE D 218 -16.10 -6.88 -19.67
N ARG D 219 -15.89 -5.61 -20.05
CA ARG D 219 -14.64 -5.23 -20.73
C ARG D 219 -13.41 -5.56 -19.89
N HIS D 220 -13.44 -5.21 -18.59
CA HIS D 220 -12.36 -5.54 -17.67
C HIS D 220 -12.08 -7.04 -17.66
N MET D 221 -13.15 -7.84 -17.56
CA MET D 221 -13.02 -9.29 -17.55
C MET D 221 -12.38 -9.80 -18.82
N SER D 222 -12.82 -9.27 -19.98
CA SER D 222 -12.21 -9.63 -21.25
C SER D 222 -10.73 -9.29 -21.25
N ASN D 223 -10.37 -8.07 -20.86
CA ASN D 223 -8.96 -7.67 -20.85
C ASN D 223 -8.12 -8.60 -19.97
N LYS D 224 -8.61 -8.91 -18.77
CA LYS D 224 -7.89 -9.82 -17.89
C LYS D 224 -7.84 -11.23 -18.48
N GLY D 225 -8.94 -11.66 -19.11
CA GLY D 225 -8.97 -12.95 -19.77
C GLY D 225 -7.95 -13.03 -20.89
N MET D 226 -7.84 -11.97 -21.69
CA MET D 226 -6.86 -11.96 -22.77
C MET D 226 -5.45 -12.07 -22.23
N GLU D 227 -5.14 -11.32 -21.17
CA GLU D 227 -3.84 -11.45 -20.53
C GLU D 227 -3.62 -12.86 -20.03
N HIS D 228 -4.63 -13.46 -19.39
CA HIS D 228 -4.52 -14.81 -18.88
C HIS D 228 -4.26 -15.80 -20.01
N LEU D 229 -4.99 -15.68 -21.11
CA LEU D 229 -4.81 -16.62 -22.21
C LEU D 229 -3.41 -16.48 -22.83
N TYR D 230 -2.88 -15.25 -22.93
CA TYR D 230 -1.51 -15.08 -23.38
C TYR D 230 -0.52 -15.67 -22.38
N SER D 231 -0.72 -15.39 -21.09
CA SER D 231 0.18 -15.86 -20.04
C SER D 231 0.56 -17.31 -20.27
N MET D 232 -0.37 -18.08 -20.82
CA MET D 232 -0.17 -19.48 -21.12
C MET D 232 -0.08 -19.67 -22.62
N LYS D 233 0.02 -20.93 -23.04
CA LYS D 233 0.24 -21.22 -24.44
C LYS D 233 -1.06 -21.20 -25.23
N CYS D 234 -1.80 -20.10 -25.16
CA CYS D 234 -3.00 -19.90 -25.96
C CYS D 234 -2.80 -18.75 -26.95
N LYS D 235 -1.59 -18.63 -27.47
CA LYS D 235 -1.31 -17.61 -28.49
C LYS D 235 -1.88 -18.00 -29.85
N ASN D 236 -2.20 -19.28 -30.06
CA ASN D 236 -2.64 -19.76 -31.36
C ASN D 236 -4.15 -19.57 -31.51
N VAL D 237 -4.56 -19.14 -32.71
CA VAL D 237 -5.98 -18.98 -32.98
C VAL D 237 -6.71 -20.32 -32.84
N VAL D 238 -8.03 -20.23 -32.65
CA VAL D 238 -8.86 -21.42 -32.51
C VAL D 238 -8.79 -22.27 -33.77
N PRO D 239 -9.11 -23.55 -33.69
CA PRO D 239 -9.05 -24.40 -34.90
C PRO D 239 -9.86 -23.87 -36.07
N SER D 240 -11.04 -23.31 -35.81
CA SER D 240 -11.96 -22.91 -36.86
C SER D 240 -11.68 -21.51 -37.40
N TYR D 241 -10.51 -20.95 -37.11
CA TYR D 241 -10.23 -19.57 -37.49
C TYR D 241 -10.50 -19.31 -38.97
N ASP D 242 -10.11 -20.25 -39.84
CA ASP D 242 -10.25 -20.00 -41.27
C ASP D 242 -11.71 -19.96 -41.69
N LEU D 243 -12.52 -20.89 -41.16
CA LEU D 243 -13.96 -20.83 -41.41
C LEU D 243 -14.54 -19.50 -40.94
N LEU D 244 -14.13 -19.02 -39.76
CA LEU D 244 -14.67 -17.75 -39.27
C LEU D 244 -14.44 -16.62 -40.29
N LEU D 245 -13.20 -16.49 -40.77
CA LEU D 245 -12.91 -15.47 -41.77
C LEU D 245 -13.72 -15.68 -43.04
N GLU D 246 -13.86 -16.93 -43.47
CA GLU D 246 -14.65 -17.23 -44.66
C GLU D 246 -16.10 -16.82 -44.44
N MET D 247 -16.64 -17.07 -43.26
CA MET D 247 -18.02 -16.67 -42.99
C MET D 247 -18.17 -15.15 -43.01
N LEU D 248 -17.11 -14.44 -42.62
CA LEU D 248 -17.12 -12.98 -42.67
C LEU D 248 -16.80 -12.45 -44.05
N ASP D 249 -16.50 -13.33 -45.01
CA ASP D 249 -16.08 -12.92 -46.35
C ASP D 249 -14.80 -12.11 -46.29
N ALA D 250 -13.88 -12.54 -45.42
CA ALA D 250 -12.63 -11.83 -45.18
C ALA D 250 -11.45 -12.58 -45.79
C10 A1AIZ E . 17.65 8.40 5.14
C13 A1AIZ E . 16.83 10.66 4.07
C15 A1AIZ E . 19.11 5.44 2.25
C17 A1AIZ E . 15.83 7.96 0.75
C20 A1AIZ E . 13.82 6.94 1.44
C21 A1AIZ E . 15.16 7.05 1.52
C22 A1AIZ E . 8.35 4.09 -0.74
C24 A1AIZ E . 5.87 1.87 2.07
C26 A1AIZ E . 8.05 2.99 1.48
C28 A1AIZ E . 18.43 6.07 1.25
C01 A1AIZ E . 11.00 5.06 -1.94
C02 A1AIZ E . 18.17 7.38 3.04
C03 A1AIZ E . 15.09 8.75 -0.08
C04 A1AIZ E . 17.88 7.23 1.69
C05 A1AIZ E . 11.31 5.66 -0.58
C06 A1AIZ E . 7.36 3.89 0.42
C07 A1AIZ E . 17.74 8.46 3.81
C08 A1AIZ E . 11.07 7.18 -0.59
C09 A1AIZ E . 6.04 3.29 -0.05
C11 A1AIZ E . 17.20 9.41 5.92
C12 A1AIZ E . 16.78 10.58 5.39
C14 A1AIZ E . 17.28 9.63 3.32
C16 A1AIZ E . 5.16 2.83 1.10
C18 A1AIZ E . 13.75 8.64 -0.14
C19 A1AIZ E . 13.10 7.71 0.61
C23 A1AIZ E . 9.61 5.56 -2.35
C25 A1AIZ E . 7.14 2.53 2.60
C27 A1AIZ E . 4.98 1.34 3.13
C29 A1AIZ E . 18.37 5.54 -0.01
C30 A1AIZ E . 18.99 4.36 -0.27
C31 A1AIZ E . 19.68 3.67 0.71
C32 A1AIZ E . 19.71 4.24 1.97
F01 A1AIZ E . 4.57 2.32 3.90
F02 A1AIZ E . 3.93 0.76 2.64
F03 A1AIZ E . 5.63 0.46 3.87
N01 A1AIZ E . 8.65 5.33 -1.24
O01 A1AIZ E . 16.35 11.62 6.18
O02 A1AIZ E . 11.72 7.63 0.55
O03 A1AIZ E . 17.17 8.08 0.85
O04 A1AIZ E . 8.89 3.15 -1.25
O05 A1AIZ E . 20.25 2.47 0.40
S01 A1AIZ E . 19.08 6.23 3.59
H10 A1AIZ E . 17.90 7.66 5.63
H07 A1AIZ E . 16.55 11.43 3.65
H20 A1AIZ E . 13.41 6.32 1.99
H05 A1AIZ E . 15.61 6.50 2.11
H02 A1AIZ E . 6.15 1.10 1.54
H32 A1AIZ E . 8.42 2.21 1.03
H31 A1AIZ E . 8.80 3.46 1.86
H01 A1AIZ E . 11.02 4.10 -1.91
H12 A1AIZ E . 11.66 5.35 -2.60
H18 A1AIZ E . 15.53 9.37 -0.61
H09 A1AIZ E . 12.23 5.48 -0.33
H13 A1AIZ E . 10.73 5.26 0.10
H14 A1AIZ E . 7.14 4.73 0.84
H17 A1AIZ E . 10.12 7.39 -0.54
H16 A1AIZ E . 11.47 7.58 -1.38
H23 A1AIZ E . 6.20 2.54 -0.65
H22 A1AIZ E . 5.54 3.94 -0.58
H11 A1AIZ E . 17.18 9.31 6.84
H08 A1AIZ E . 17.24 9.80 2.40
H25 A1AIZ E . 4.83 3.60 1.59
H15 A1AIZ E . 4.37 2.40 0.74
H03 A1AIZ E . 13.27 9.21 -0.70
H19 A1AIZ E . 9.35 5.07 -3.15
H21 A1AIZ E . 9.68 6.50 -2.56
H06 A1AIZ E . 6.91 3.29 3.16
H30 A1AIZ E . 7.63 1.92 3.18
H26 A1AIZ E . 17.90 5.98 -0.69
H27 A1AIZ E . 18.96 4.01 -1.14
H29 A1AIZ E . 20.14 3.77 2.65
H24 A1AIZ E . 8.25 5.99 -0.87
H04 A1AIZ E . 15.53 11.47 6.37
H28 A1AIZ E . 19.85 1.85 0.81
C10 A1AIZ F . 4.80 9.88 27.04
C13 A1AIZ F . 2.71 11.32 26.34
C15 A1AIZ F . 5.09 9.15 31.30
C17 A1AIZ F . 4.33 13.24 29.94
C20 A1AIZ F . 4.65 15.55 29.67
C21 A1AIZ F . 3.85 14.50 29.93
C22 A1AIZ F . 11.60 19.11 29.04
C24 A1AIZ F . 15.60 18.08 30.64
C26 A1AIZ F . 13.04 17.67 30.51
C28 A1AIZ F . 4.60 10.39 31.48
C01 A1AIZ F . 8.67 18.88 28.84
C02 A1AIZ F . 4.29 9.98 29.34
C03 A1AIZ F . 5.65 13.09 29.69
C04 A1AIZ F . 4.12 10.88 30.32
C05 A1AIZ F . 7.20 18.65 28.48
C06 A1AIZ F . 12.96 18.40 29.15
C07 A1AIZ F . 3.98 10.26 28.05
C08 A1AIZ F . 6.53 17.73 29.49
C09 A1AIZ F . 14.15 19.32 28.93
C11 A1AIZ F . 4.58 10.16 25.75
C12 A1AIZ F . 3.52 10.89 25.36
C14 A1AIZ F . 2.96 11.02 27.64
C16 A1AIZ F . 15.48 18.59 29.19
C18 A1AIZ F . 6.44 14.15 29.43
C19 A1AIZ F . 5.97 15.42 29.42
C23 A1AIZ F . 9.51 19.41 27.68
C25 A1AIZ F . 14.43 17.14 30.92
C27 A1AIZ F . 16.91 17.51 30.96
C29 A1AIZ F . 4.58 11.00 32.70
C30 A1AIZ F . 5.08 10.34 33.75
C31 A1AIZ F . 5.60 9.09 33.61
C32 A1AIZ F . 5.58 8.50 32.39
F01 A1AIZ F . 16.99 17.24 32.23
F02 A1AIZ F . 17.93 18.26 30.71
F03 A1AIZ F . 17.10 16.39 30.31
N01 A1AIZ F . 10.84 18.84 27.93
O01 A1AIZ F . 3.29 11.17 24.06
O02 A1AIZ F . 6.84 16.41 29.14
O03 A1AIZ F . 3.54 12.15 30.20
O04 A1AIZ F . 11.18 19.87 29.87
O05 A1AIZ F . 6.13 8.50 34.73
S01 A1AIZ F . 4.93 8.69 29.85
H10 A1AIZ F . 5.58 9.40 27.18
H07 A1AIZ F . 1.97 11.85 26.12
H20 A1AIZ F . 4.24 16.39 29.66
H05 A1AIZ F . 2.95 14.66 30.10
H02 A1AIZ F . 15.51 18.85 31.22
H32 A1AIZ F . 12.43 16.92 30.50
H31 A1AIZ F . 12.73 18.26 31.21
H01 A1AIZ F . 9.04 18.04 29.15
H12 A1AIZ F . 8.72 19.50 29.58
H18 A1AIZ F . 6.01 12.24 29.70
H09 A1AIZ F . 7.13 18.27 27.59
H13 A1AIZ F . 6.73 19.51 28.46
H14 A1AIZ F . 13.02 17.74 28.44
H17 A1AIZ F . 6.88 17.91 30.38
H16 A1AIZ F . 5.57 17.86 29.48
H23 A1AIZ F . 14.16 19.68 28.04
H22 A1AIZ F . 14.10 20.10 29.52
H11 A1AIZ F . 5.16 9.84 25.10
H08 A1AIZ F . 2.35 11.41 28.23
H25 A1AIZ F . 15.55 17.85 28.57
H15 A1AIZ F . 16.21 19.18 28.99
H03 A1AIZ F . 7.35 14.00 29.24
H19 A1AIZ F . 9.50 20.37 27.68
H21 A1AIZ F . 9.12 19.10 26.84
H06 A1AIZ F . 14.57 16.30 30.48
H30 A1AIZ F . 14.40 16.93 31.86
H26 A1AIZ F . 4.24 11.86 32.80
H27 A1AIZ F . 5.07 10.74 34.58
H29 A1AIZ F . 5.92 7.64 32.30
H24 A1AIZ F . 11.18 18.29 27.37
H04 A1AIZ F . 2.53 10.84 23.86
H28 A1AIZ F . 5.63 8.68 35.39
C10 A1AIZ G . -1.42 6.33 -18.83
C13 A1AIZ G . 1.07 5.71 -19.35
C15 A1AIZ G . -1.94 10.24 -16.91
C17 A1AIZ G . 1.58 8.00 -15.55
C20 A1AIZ G . 0.91 6.53 -13.83
C21 A1AIZ G . 0.60 7.36 -14.85
C22 A1AIZ G . 1.63 5.55 -6.65
C24 A1AIZ G . -0.96 1.94 -6.05
C26 A1AIZ G . 1.21 3.25 -5.64
C28 A1AIZ G . -0.69 10.15 -16.42
C01 A1AIZ G . 1.60 4.97 -9.83
C02 A1AIZ G . -0.89 8.42 -17.77
C03 A1AIZ G . 2.85 7.71 -15.18
C04 A1AIZ G . -0.04 9.09 -16.93
C05 A1AIZ G . 2.20 6.29 -10.37
C06 A1AIZ G . 0.56 4.51 -6.34
C07 A1AIZ G . -0.54 7.26 -18.46
C08 A1AIZ G . 3.26 5.87 -11.40
C09 A1AIZ G . -0.38 4.02 -7.42
C11 A1AIZ G . -1.13 5.18 -19.45
C12 A1AIZ G . 0.15 4.83 -19.72
C14 A1AIZ G . 0.73 6.86 -18.73
C16 A1AIZ G . -1.49 3.17 -6.79
C18 A1AIZ G . 3.14 6.87 -14.20
C19 A1AIZ G . 2.16 6.25 -13.48
C23 A1AIZ G . 2.50 4.37 -8.74
C25 A1AIZ G . 0.16 2.28 -5.06
C27 A1AIZ G . -2.03 1.09 -5.42
C29 A1AIZ G . -0.21 11.07 -15.56
C30 A1AIZ G . -1.01 12.10 -15.14
C31 A1AIZ G . -2.31 12.21 -15.59
C32 A1AIZ G . -2.73 11.26 -16.46
F01 A1AIZ G . -1.86 0.93 -4.13
F02 A1AIZ G . -2.08 -0.11 -5.94
F03 A1AIZ G . -3.23 1.63 -5.55
N01 A1AIZ G . 2.49 5.41 -7.71
O01 A1AIZ G . 0.44 3.68 -20.39
O02 A1AIZ G . 2.49 5.37 -12.46
O03 A1AIZ G . 1.30 8.81 -16.60
O04 A1AIZ G . 1.76 6.52 -5.99
O05 A1AIZ G . -3.05 13.23 -15.11
S01 A1AIZ G . -2.29 9.13 -17.93
H10 A1AIZ G . -2.34 6.42 -18.68
H07 A1AIZ G . 1.97 5.52 -19.52
H20 A1AIZ G . 0.18 6.15 -13.38
H05 A1AIZ G . -0.30 7.50 -15.06
H02 A1AIZ G . -0.54 1.41 -6.75
H32 A1AIZ G . 1.80 3.54 -4.93
H31 A1AIZ G . 1.77 2.78 -6.26
H01 A1AIZ G . 0.71 5.13 -9.48
H12 A1AIZ G . 1.50 4.33 -10.56
H18 A1AIZ G . 3.55 8.13 -15.64
H09 A1AIZ G . 2.60 6.81 -9.65
H13 A1AIZ G . 1.52 6.84 -10.78
H14 A1AIZ G . -0.02 5.00 -5.74
H17 A1AIZ G . 3.84 5.18 -11.04
H16 A1AIZ G . 3.79 6.64 -11.69
H23 A1AIZ G . 0.08 3.49 -8.09
H22 A1AIZ G . -0.78 4.76 -7.91
H11 A1AIZ G . -1.81 4.61 -19.71
H08 A1AIZ G . 1.47 7.36 -18.50
H25 A1AIZ G . -2.11 2.89 -7.48
H15 A1AIZ G . -1.99 3.73 -6.17
H03 A1AIZ G . 4.03 6.71 -14.00
H19 A1AIZ G . 2.13 3.53 -8.42
H21 A1AIZ G . 3.39 4.19 -9.09
H06 A1AIZ G . -0.21 2.67 -4.26
H30 A1AIZ G . 0.61 1.47 -4.77
H26 A1AIZ G . 0.66 11.01 -15.23
H27 A1AIZ G . -0.68 12.72 -14.55
H29 A1AIZ G . -3.61 11.32 -16.77
H24 A1AIZ G . 3.09 6.02 -7.75
H04 A1AIZ G . 0.37 3.03 -19.85
H28 A1AIZ G . -3.61 12.93 -14.56
C10 A1AIZ H . -12.33 -16.66 -20.07
C13 A1AIZ H . -10.28 -18.18 -19.39
C15 A1AIZ H . -15.71 -18.81 -21.67
C17 A1AIZ H . -11.78 -19.93 -23.17
C20 A1AIZ H . -11.22 -18.45 -24.93
C21 A1AIZ H . -11.96 -18.79 -23.85
C22 A1AIZ H . -8.69 -16.48 -31.25
C24 A1AIZ H . -11.36 -14.21 -33.99
C26 A1AIZ H . -11.01 -15.91 -32.07
C28 A1AIZ H . -14.84 -19.69 -22.21
C01 A1AIZ H . -8.00 -18.28 -28.92
C02 A1AIZ H . -13.63 -18.47 -20.85
C03 A1AIZ H . -10.80 -20.75 -23.62
C04 A1AIZ H . -13.60 -19.50 -21.72
C05 A1AIZ H . -7.44 -19.00 -27.69
C06 A1AIZ H . -9.58 -15.36 -31.79
C07 A1AIZ H . -12.50 -17.99 -20.25
C08 A1AIZ H . -8.54 -19.83 -27.01
C09 A1AIZ H . -9.02 -14.65 -33.02
C11 A1AIZ H . -11.22 -16.11 -19.54
C12 A1AIZ H . -10.17 -16.86 -19.18
C14 A1AIZ H . -11.40 -18.71 -19.93
C16 A1AIZ H . -9.99 -13.61 -33.59
C18 A1AIZ H . -10.06 -20.41 -24.69
C19 A1AIZ H . -10.24 -19.26 -25.40
C23 A1AIZ H . -7.06 -17.18 -29.43
C25 A1AIZ H . -11.95 -14.91 -32.74
C27 A1AIZ H . -12.29 -13.27 -34.62
C29 A1AIZ H . -15.23 -20.65 -23.10
C30 A1AIZ H . -16.52 -20.70 -23.47
C31 A1AIZ H . -17.43 -19.83 -22.97
C32 A1AIZ H . -17.00 -18.89 -22.06
F01 A1AIZ H . -12.60 -12.31 -33.79
F02 A1AIZ H . -13.40 -13.83 -35.01
F03 A1AIZ H . -11.81 -12.70 -35.69
N01 A1AIZ H . -7.95 -16.22 -30.11
O01 A1AIZ H . -9.06 -16.29 -18.65
O02 A1AIZ H . -9.47 -18.92 -26.48
O03 A1AIZ H . -12.53 -20.29 -22.09
O04 A1AIZ H . -8.61 -17.57 -31.74
O05 A1AIZ H . -18.72 -19.90 -23.42
S01 A1AIZ H . -15.03 -17.86 -20.67
H10 A1AIZ H . -12.98 -16.03 -20.31
H07 A1AIZ H . -9.57 -18.73 -19.16
H20 A1AIZ H . -11.41 -17.64 -25.33
H05 A1AIZ H . -12.63 -18.19 -23.59
H02 A1AIZ H . -11.19 -14.89 -34.66
H32 A1AIZ H . -10.95 -16.70 -32.62
H31 A1AIZ H . -11.41 -16.19 -31.24
H01 A1AIZ H . -8.13 -18.92 -29.63
H12 A1AIZ H . -8.86 -17.89 -28.72
H18 A1AIZ H . -10.63 -21.55 -23.19
H09 A1AIZ H . -6.70 -19.58 -27.95
H13 A1AIZ H . -7.10 -18.34 -27.06
H14 A1AIZ H . -9.64 -14.67 -31.10
H17 A1AIZ H . -8.14 -20.36 -26.30
H16 A1AIZ H . -8.97 -20.39 -27.67
H23 A1AIZ H . -8.81 -15.29 -33.72
H22 A1AIZ H . -8.19 -14.21 -32.82
H11 A1AIZ H . -11.19 -15.19 -19.42
H08 A1AIZ H . -11.35 -19.62 -20.07
H25 A1AIZ H . -10.13 -12.91 -32.94
H15 A1AIZ H . -9.60 -13.19 -34.37
H03 A1AIZ H . -9.39 -20.98 -24.96
H19 A1AIZ H . -6.40 -17.56 -30.03
H21 A1AIZ H . -6.60 -16.78 -28.67
H06 A1AIZ H . -12.22 -14.24 -32.09
H30 A1AIZ H . -12.77 -15.37 -32.99
H26 A1AIZ H . -14.62 -21.26 -23.44
H27 A1AIZ H . -16.79 -21.35 -24.09
H29 A1AIZ H . -17.63 -18.30 -21.72
H24 A1AIZ H . -8.03 -15.43 -29.80
H04 A1AIZ H . -8.59 -15.97 -19.27
H28 A1AIZ H . -18.92 -20.72 -23.51
#